data_8J12
#
_entry.id   8J12
#
_cell.length_a   1.00
_cell.length_b   1.00
_cell.length_c   1.00
_cell.angle_alpha   90.00
_cell.angle_beta   90.00
_cell.angle_gamma   90.00
#
_symmetry.space_group_name_H-M   'P 1'
#
loop_
_entity.id
_entity.type
_entity.pdbx_description
1 polymer 'Transposase IS605 OrfB C-terminal domain-containing protein'
2 polymer 'DNA (38-MER)'
3 polymer 'DNA (38-MER)'
4 polymer 'RNA (247-MER)'
5 non-polymer 'MAGNESIUM ION'
6 non-polymer 'ZINC ION'
#
loop_
_entity_poly.entity_id
_entity_poly.type
_entity_poly.pdbx_seq_one_letter_code
_entity_poly.pdbx_strand_id
1 'polypeptide(L)'
;MGHHHHHHGSMIKVYRYEIVKPLDLDWKEFGTILRQLQQETRFALNKATQLAWEWMGFSSDYKDNHGEYPKSKDILGYTN
VHGYAYHTIKTKAYRLNSGNLSQTIKRATDRFKAYQKEILRGDMSIPSYKRDIPLDLIKENISVNRMNHGDYIASLSLLS
NPAKQEMNVKRKISVIIIVRGAGKTIMDRILSGEYQVSASQIIHDDRKNKWYLNISYDFEPQTRVLDLNKIMGIDLGVAV
AVYMAFQHTPARYKLEGGEIENFRRQVESRRISMLRQGKYAGGARGGHGRDKRIKPIEQLRDKIANFRDTTNHRYSRYIV
DMAIKEGCGTIQMEDLTNIRDIGSRFLQNWTYYDLQQKIIYKAEEAGIKVIKIDPQYTSQRCSECGNIDSGNRIGQAIFK
CRACGYEANADYNAARNIAIPNIDKIIAESIK
;
A,B
2 'polydeoxyribonucleotide'
;(DG)(DA)(DA)(DT)(DG)(DG)(DT)(DT)(DC)(DA)(DA)(DG)(DC)(DG)(DC)(DA)(DC)(DC)(DT)(DA)
(DA)(DT)(DT)(DT)(DC)(DC)(DT)(DA)(DA)(DA)(DT)(DT)(DA)(DG)(DA)(DA)(DA)(DA)
;
D
3 'polydeoxyribonucleotide'
;(DT)(DT)(DT)(DT)(DC)(DT)(DA)(DA)(DT)(DT)(DT)(DA)(DG)(DG)(DA)(DA)(DA)(DT)(DT)(DA)
(DG)(DG)(DT)(DG)(DC)(DG)(DC)(DT)(DT)(DG)(DA)(DA)(DC)(DC)(DA)(DT)(DT)(DC)
;
E
4 'polyribonucleotide'
;GGAUACUUCUAUUCGUCGGUUCAGCGACGAUAAGCCGAGAAGUGCCAAUAAAACUGUUAAGUGGUUUGGUAACGCUCGGU
AAGGUAGCCAAAAGGCUGAAACUCCGUGCACAAAGACCGCACGGACGCUUCACAUAUAGCUCAUAAACAAAUGUCGUCGA
CCUCUAAUAGCGAAAGUUUGCGAGCUAGCUUGUGGAGUGUGAACGGAAAUUAGGUGCGCUUGGC
;
C
#
loop_
_chem_comp.id
_chem_comp.type
_chem_comp.name
_chem_comp.formula
A RNA linking ADENOSINE-5'-MONOPHOSPHATE 'C10 H14 N5 O7 P'
C RNA linking CYTIDINE-5'-MONOPHOSPHATE 'C9 H14 N3 O8 P'
DA DNA linking 2'-DEOXYADENOSINE-5'-MONOPHOSPHATE 'C10 H14 N5 O6 P'
DC DNA linking 2'-DEOXYCYTIDINE-5'-MONOPHOSPHATE 'C9 H14 N3 O7 P'
DG DNA linking 2'-DEOXYGUANOSINE-5'-MONOPHOSPHATE 'C10 H14 N5 O7 P'
DT DNA linking THYMIDINE-5'-MONOPHOSPHATE 'C10 H15 N2 O8 P'
G RNA linking GUANOSINE-5'-MONOPHOSPHATE 'C10 H14 N5 O8 P'
MG non-polymer 'MAGNESIUM ION' 'Mg 2'
U RNA linking URIDINE-5'-MONOPHOSPHATE 'C9 H13 N2 O9 P'
ZN non-polymer 'ZINC ION' 'Zn 2'
#
# COMPACT_ATOMS: atom_id res chain seq x y z
N GLY A 9 -18.52 29.83 10.38
CA GLY A 9 -18.25 29.97 11.80
C GLY A 9 -18.81 28.83 12.63
N SER A 10 -18.45 27.60 12.24
CA SER A 10 -18.92 26.41 12.94
C SER A 10 -18.05 25.24 12.54
N MET A 11 -17.50 24.53 13.53
CA MET A 11 -16.68 23.37 13.29
C MET A 11 -17.54 22.11 13.32
N ILE A 12 -16.89 20.95 13.23
CA ILE A 12 -17.59 19.67 13.34
C ILE A 12 -16.60 18.61 13.81
N LYS A 13 -17.00 17.84 14.82
CA LYS A 13 -16.16 16.79 15.38
C LYS A 13 -17.01 15.54 15.57
N VAL A 14 -16.35 14.46 16.00
CA VAL A 14 -17.02 13.18 16.19
C VAL A 14 -16.59 12.58 17.53
N TYR A 15 -17.37 11.62 18.00
CA TYR A 15 -16.99 10.80 19.14
C TYR A 15 -17.60 9.41 19.00
N ARG A 16 -16.87 8.41 19.47
CA ARG A 16 -17.31 7.03 19.42
C ARG A 16 -18.10 6.68 20.67
N TYR A 17 -19.00 5.71 20.53
CA TYR A 17 -19.79 5.23 21.66
C TYR A 17 -20.01 3.74 21.45
N GLU A 18 -19.39 2.91 22.29
CA GLU A 18 -19.51 1.47 22.17
C GLU A 18 -20.94 1.03 22.49
N ILE A 19 -21.50 0.18 21.64
CA ILE A 19 -22.84 -0.33 21.82
C ILE A 19 -22.76 -1.61 22.64
N VAL A 20 -23.53 -1.68 23.73
CA VAL A 20 -23.47 -2.83 24.62
C VAL A 20 -24.37 -3.94 24.11
N LYS A 21 -25.68 -3.68 24.04
CA LYS A 21 -26.64 -4.72 23.75
C LYS A 21 -27.84 -4.12 23.02
N PRO A 22 -28.53 -4.90 22.20
CA PRO A 22 -29.82 -4.44 21.66
C PRO A 22 -30.86 -4.41 22.76
N LEU A 23 -31.57 -3.30 22.86
CA LEU A 23 -32.49 -3.11 23.98
C LEU A 23 -33.64 -4.11 23.95
N ASP A 24 -34.20 -4.37 22.77
CA ASP A 24 -35.34 -5.26 22.65
C ASP A 24 -35.06 -6.53 21.87
N LEU A 25 -34.08 -6.52 20.97
CA LEU A 25 -33.76 -7.69 20.16
C LEU A 25 -32.69 -8.51 20.87
N ASP A 26 -32.21 -9.56 20.20
CA ASP A 26 -31.06 -10.32 20.64
C ASP A 26 -29.84 -9.94 19.80
N TRP A 27 -28.67 -10.33 20.28
CA TRP A 27 -27.45 -9.98 19.57
C TRP A 27 -27.35 -10.68 18.23
N LYS A 28 -27.90 -11.89 18.11
CA LYS A 28 -27.85 -12.61 16.84
C LYS A 28 -28.68 -11.91 15.77
N GLU A 29 -29.94 -11.59 16.09
CA GLU A 29 -30.79 -10.91 15.13
C GLU A 29 -30.24 -9.53 14.79
N PHE A 30 -29.71 -8.82 15.79
CA PHE A 30 -29.15 -7.50 15.54
C PHE A 30 -27.92 -7.59 14.64
N GLY A 31 -27.08 -8.59 14.87
CA GLY A 31 -25.93 -8.78 14.00
C GLY A 31 -26.33 -9.10 12.57
N THR A 32 -27.34 -9.94 12.40
CA THR A 32 -27.84 -10.23 11.05
C THR A 32 -28.38 -8.97 10.39
N ILE A 33 -29.11 -8.15 11.14
CA ILE A 33 -29.63 -6.90 10.60
C ILE A 33 -28.49 -5.99 10.16
N LEU A 34 -27.47 -5.86 11.01
CA LEU A 34 -26.34 -4.99 10.69
C LEU A 34 -25.60 -5.49 9.45
N ARG A 35 -25.37 -6.80 9.34
CA ARG A 35 -24.68 -7.33 8.17
C ARG A 35 -25.48 -7.10 6.89
N GLN A 36 -26.79 -7.34 6.94
CA GLN A 36 -27.62 -7.13 5.75
C GLN A 36 -27.64 -5.67 5.35
N LEU A 37 -27.72 -4.77 6.33
CA LEU A 37 -27.69 -3.34 6.00
C LEU A 37 -26.34 -2.91 5.47
N GLN A 38 -25.25 -3.51 5.95
CA GLN A 38 -23.93 -3.22 5.39
C GLN A 38 -23.87 -3.64 3.93
N GLN A 39 -24.39 -4.82 3.62
CA GLN A 39 -24.43 -5.27 2.23
C GLN A 39 -25.27 -4.33 1.37
N GLU A 40 -26.41 -3.88 1.90
CA GLU A 40 -27.23 -2.93 1.16
C GLU A 40 -26.49 -1.61 0.93
N THR A 41 -25.76 -1.13 1.93
CA THR A 41 -25.02 0.11 1.80
C THR A 41 -23.94 0.00 0.72
N ARG A 42 -23.16 -1.09 0.75
CA ARG A 42 -22.12 -1.29 -0.25
C ARG A 42 -22.72 -1.41 -1.64
N PHE A 43 -23.81 -2.16 -1.77
CA PHE A 43 -24.47 -2.31 -3.06
C PHE A 43 -24.97 -0.97 -3.57
N ALA A 44 -25.56 -0.16 -2.69
CA ALA A 44 -26.06 1.15 -3.11
C ALA A 44 -24.93 2.05 -3.55
N LEU A 45 -23.81 2.07 -2.82
CA LEU A 45 -22.67 2.89 -3.21
C LEU A 45 -22.17 2.51 -4.60
N ASN A 46 -21.93 1.22 -4.81
CA ASN A 46 -21.40 0.78 -6.09
C ASN A 46 -22.38 1.05 -7.23
N LYS A 47 -23.68 0.81 -6.99
CA LYS A 47 -24.67 1.05 -8.02
C LYS A 47 -24.79 2.54 -8.35
N ALA A 48 -24.70 3.41 -7.35
CA ALA A 48 -24.74 4.84 -7.61
C ALA A 48 -23.55 5.26 -8.46
N THR A 49 -22.36 4.74 -8.15
CA THR A 49 -21.19 5.07 -8.98
C THR A 49 -21.37 4.55 -10.40
N GLN A 50 -21.92 3.35 -10.55
CA GLN A 50 -22.16 2.80 -11.88
C GLN A 50 -23.13 3.66 -12.68
N LEU A 51 -24.22 4.09 -12.05
CA LEU A 51 -25.19 4.92 -12.74
C LEU A 51 -24.59 6.27 -13.11
N ALA A 52 -23.76 6.84 -12.22
CA ALA A 52 -23.11 8.11 -12.53
C ALA A 52 -22.19 7.97 -13.73
N TRP A 53 -21.39 6.89 -13.78
CA TRP A 53 -20.49 6.68 -14.90
C TRP A 53 -21.26 6.47 -16.20
N GLU A 54 -22.34 5.68 -16.14
CA GLU A 54 -23.16 5.45 -17.32
C GLU A 54 -23.78 6.74 -17.83
N TRP A 55 -24.27 7.58 -16.90
CA TRP A 55 -24.85 8.85 -17.31
C TRP A 55 -23.80 9.78 -17.92
N MET A 56 -22.58 9.77 -17.39
CA MET A 56 -21.52 10.56 -17.98
C MET A 56 -21.26 10.12 -19.42
N GLY A 57 -21.17 8.81 -19.65
CA GLY A 57 -20.97 8.32 -21.00
C GLY A 57 -22.12 8.68 -21.92
N PHE A 58 -23.35 8.54 -21.44
CA PHE A 58 -24.51 8.87 -22.27
C PHE A 58 -24.53 10.35 -22.61
N SER A 59 -24.19 11.21 -21.64
CA SER A 59 -24.17 12.64 -21.90
C SER A 59 -23.12 12.99 -22.95
N SER A 60 -21.94 12.37 -22.86
CA SER A 60 -20.91 12.64 -23.87
C SER A 60 -21.37 12.20 -25.25
N ASP A 61 -21.95 11.01 -25.34
CA ASP A 61 -22.43 10.54 -26.65
C ASP A 61 -23.54 11.43 -27.19
N TYR A 62 -24.45 11.86 -26.32
CA TYR A 62 -25.54 12.73 -26.76
C TYR A 62 -25.02 14.07 -27.25
N LYS A 63 -24.05 14.65 -26.55
CA LYS A 63 -23.46 15.91 -26.99
C LYS A 63 -22.78 15.74 -28.34
N ASP A 64 -22.06 14.64 -28.52
CA ASP A 64 -21.38 14.41 -29.80
C ASP A 64 -22.38 14.25 -30.94
N ASN A 65 -23.47 13.51 -30.71
CA ASN A 65 -24.40 13.21 -31.80
C ASN A 65 -25.36 14.35 -32.06
N HIS A 66 -26.21 14.68 -31.07
CA HIS A 66 -27.22 15.70 -31.26
C HIS A 66 -26.67 17.12 -31.20
N GLY A 67 -25.41 17.30 -30.82
CA GLY A 67 -24.77 18.59 -30.82
C GLY A 67 -24.89 19.36 -29.53
N GLU A 68 -25.79 18.97 -28.64
CA GLU A 68 -26.00 19.66 -27.37
C GLU A 68 -26.10 18.65 -26.23
N TYR A 69 -25.74 19.09 -25.03
CA TYR A 69 -25.84 18.24 -23.86
C TYR A 69 -27.30 17.90 -23.57
N PRO A 70 -27.58 16.72 -23.01
CA PRO A 70 -28.95 16.41 -22.62
C PRO A 70 -29.28 16.91 -21.22
N LYS A 71 -30.39 17.61 -21.08
CA LYS A 71 -30.82 18.05 -19.76
C LYS A 71 -31.39 16.86 -19.00
N SER A 72 -30.90 16.65 -17.77
CA SER A 72 -31.32 15.49 -16.99
C SER A 72 -32.80 15.51 -16.66
N LYS A 73 -33.43 16.70 -16.67
CA LYS A 73 -34.85 16.78 -16.37
C LYS A 73 -35.72 16.11 -17.44
N ASP A 74 -35.17 15.84 -18.61
CA ASP A 74 -35.91 15.19 -19.69
C ASP A 74 -35.61 13.71 -19.81
N ILE A 75 -34.33 13.34 -19.91
CA ILE A 75 -33.96 11.95 -20.14
C ILE A 75 -34.17 11.13 -18.89
N LEU A 76 -33.47 11.49 -17.80
CA LEU A 76 -33.58 10.72 -16.56
C LEU A 76 -34.97 10.81 -15.96
N GLY A 77 -35.59 11.98 -16.02
CA GLY A 77 -36.81 12.24 -15.28
C GLY A 77 -36.59 12.86 -13.93
N TYR A 78 -35.35 13.07 -13.53
CA TYR A 78 -35.00 13.70 -12.26
C TYR A 78 -33.95 14.77 -12.53
N THR A 79 -33.87 15.73 -11.62
CA THR A 79 -32.97 16.87 -11.82
C THR A 79 -31.51 16.44 -11.83
N ASN A 80 -31.13 15.55 -10.92
CA ASN A 80 -29.75 15.12 -10.78
C ASN A 80 -29.67 13.60 -10.79
N VAL A 81 -28.44 13.09 -10.84
CA VAL A 81 -28.23 11.64 -10.81
C VAL A 81 -28.60 11.05 -9.45
N HIS A 82 -28.62 11.87 -8.40
CA HIS A 82 -28.99 11.38 -7.08
C HIS A 82 -30.42 10.87 -7.05
N GLY A 83 -31.35 11.65 -7.63
CA GLY A 83 -32.74 11.23 -7.63
C GLY A 83 -32.98 9.97 -8.44
N TYR A 84 -32.39 9.89 -9.63
CA TYR A 84 -32.55 8.70 -10.45
C TYR A 84 -31.91 7.48 -9.79
N ALA A 85 -30.74 7.67 -9.17
CA ALA A 85 -30.09 6.56 -8.48
C ALA A 85 -30.94 6.07 -7.31
N TYR A 86 -31.56 7.00 -6.57
CA TYR A 86 -32.46 6.59 -5.51
C TYR A 86 -33.66 5.84 -6.07
N HIS A 87 -34.20 6.31 -7.19
CA HIS A 87 -35.36 5.64 -7.78
C HIS A 87 -35.00 4.25 -8.30
N THR A 88 -33.74 4.02 -8.64
CA THR A 88 -33.33 2.71 -9.13
C THR A 88 -32.91 1.76 -8.01
N ILE A 89 -32.05 2.23 -7.10
CA ILE A 89 -31.47 1.35 -6.09
C ILE A 89 -32.50 0.92 -5.05
N LYS A 90 -33.51 1.76 -4.79
CA LYS A 90 -34.42 1.52 -3.67
C LYS A 90 -35.19 0.21 -3.81
N THR A 91 -35.39 -0.27 -5.04
CA THR A 91 -36.13 -1.51 -5.23
C THR A 91 -35.33 -2.70 -4.75
N LYS A 92 -34.02 -2.72 -5.02
CA LYS A 92 -33.16 -3.83 -4.60
C LYS A 92 -32.50 -3.58 -3.26
N ALA A 93 -32.72 -2.42 -2.65
CA ALA A 93 -32.17 -2.07 -1.35
C ALA A 93 -33.28 -1.62 -0.42
N TYR A 94 -34.35 -2.40 -0.35
CA TYR A 94 -35.55 -2.06 0.41
C TYR A 94 -35.40 -2.31 1.91
N ARG A 95 -34.21 -2.66 2.38
CA ARG A 95 -34.00 -2.87 3.81
C ARG A 95 -33.40 -1.67 4.52
N LEU A 96 -32.58 -0.88 3.83
CA LEU A 96 -32.11 0.37 4.40
C LEU A 96 -33.26 1.35 4.54
N ASN A 97 -33.15 2.23 5.54
CA ASN A 97 -34.13 3.30 5.68
C ASN A 97 -33.96 4.31 4.54
N SER A 98 -35.03 5.05 4.27
CA SER A 98 -35.03 5.96 3.14
C SER A 98 -33.99 7.06 3.31
N GLY A 99 -33.90 7.64 4.50
CA GLY A 99 -32.93 8.71 4.73
C GLY A 99 -31.51 8.24 4.61
N ASN A 100 -31.18 7.09 5.21
CA ASN A 100 -29.83 6.56 5.13
C ASN A 100 -29.46 6.17 3.70
N LEU A 101 -30.40 5.57 2.97
CA LEU A 101 -30.14 5.21 1.58
C LEU A 101 -29.91 6.46 0.73
N SER A 102 -30.72 7.49 0.94
CA SER A 102 -30.53 8.74 0.21
C SER A 102 -29.18 9.37 0.52
N GLN A 103 -28.79 9.36 1.80
CA GLN A 103 -27.50 9.92 2.18
C GLN A 103 -26.34 9.15 1.54
N THR A 104 -26.44 7.82 1.53
CA THR A 104 -25.39 7.00 0.94
C THR A 104 -25.27 7.26 -0.56
N ILE A 105 -26.40 7.29 -1.25
CA ILE A 105 -26.40 7.54 -2.68
C ILE A 105 -25.85 8.93 -2.98
N LYS A 106 -26.20 9.91 -2.14
CA LYS A 106 -25.67 11.25 -2.33
C LYS A 106 -24.17 11.29 -2.13
N ARG A 107 -23.66 10.56 -1.14
CA ARG A 107 -22.20 10.49 -0.95
C ARG A 107 -21.53 9.96 -2.20
N ALA A 108 -22.05 8.86 -2.74
CA ALA A 108 -21.43 8.26 -3.92
C ALA A 108 -21.49 9.21 -5.12
N THR A 109 -22.65 9.80 -5.38
CA THR A 109 -22.81 10.66 -6.55
C THR A 109 -22.05 11.97 -6.39
N ASP A 110 -21.84 12.42 -5.15
CA ASP A 110 -21.04 13.61 -4.92
C ASP A 110 -19.55 13.32 -5.08
N ARG A 111 -19.11 12.12 -4.68
CA ARG A 111 -17.72 11.75 -4.91
C ARG A 111 -17.43 11.62 -6.40
N PHE A 112 -18.36 11.06 -7.16
CA PHE A 112 -18.13 10.95 -8.60
C PHE A 112 -18.14 12.33 -9.27
N LYS A 113 -19.02 13.23 -8.82
CA LYS A 113 -19.12 14.53 -9.46
C LYS A 113 -17.91 15.41 -9.14
N ALA A 114 -17.34 15.28 -7.95
CA ALA A 114 -16.20 16.11 -7.57
C ALA A 114 -14.99 15.84 -8.46
N TYR A 115 -14.73 14.57 -8.76
CA TYR A 115 -13.55 14.15 -9.52
C TYR A 115 -13.92 13.67 -10.92
N GLN A 116 -14.88 14.34 -11.57
CA GLN A 116 -15.33 13.87 -12.88
C GLN A 116 -14.25 14.07 -13.94
N LYS A 117 -13.57 15.22 -13.92
CA LYS A 117 -12.53 15.47 -14.91
C LYS A 117 -11.39 14.47 -14.77
N GLU A 118 -10.95 14.21 -13.55
CA GLU A 118 -9.87 13.24 -13.34
C GLU A 118 -10.30 11.84 -13.77
N ILE A 119 -11.60 11.54 -13.68
CA ILE A 119 -12.10 10.25 -14.14
C ILE A 119 -12.04 10.18 -15.67
N LEU A 120 -12.48 11.26 -16.33
CA LEU A 120 -12.34 11.32 -17.79
C LEU A 120 -10.88 11.40 -18.20
N ARG A 121 -10.09 12.20 -17.49
CA ARG A 121 -8.68 12.37 -17.85
C ARG A 121 -7.90 11.08 -17.64
N GLY A 122 -8.19 10.34 -16.58
CA GLY A 122 -7.49 9.11 -16.27
C GLY A 122 -6.60 9.16 -15.05
N ASP A 123 -6.49 10.32 -14.41
CA ASP A 123 -5.67 10.41 -13.20
C ASP A 123 -6.29 9.66 -12.04
N MET A 124 -7.61 9.57 -11.98
CA MET A 124 -8.32 8.89 -10.92
C MET A 124 -9.21 7.80 -11.53
N SER A 125 -9.15 6.61 -10.96
CA SER A 125 -10.00 5.53 -11.39
C SER A 125 -11.41 5.69 -10.82
N ILE A 126 -12.35 4.98 -11.42
CA ILE A 126 -13.74 5.02 -10.92
C ILE A 126 -13.77 4.50 -9.49
N PRO A 127 -14.33 5.22 -8.54
CA PRO A 127 -14.31 4.77 -7.14
C PRO A 127 -15.03 3.44 -6.97
N SER A 128 -14.46 2.58 -6.13
CA SER A 128 -15.05 1.30 -5.78
C SER A 128 -15.07 1.18 -4.27
N TYR A 129 -16.14 0.61 -3.73
CA TYR A 129 -16.38 0.62 -2.29
C TYR A 129 -16.27 -0.78 -1.71
N LYS A 130 -15.77 -0.84 -0.48
CA LYS A 130 -15.30 -2.08 0.11
C LYS A 130 -16.42 -2.83 0.83
N ARG A 131 -16.05 -3.97 1.41
CA ARG A 131 -17.03 -4.86 2.03
C ARG A 131 -17.57 -4.30 3.34
N ASP A 132 -16.69 -3.79 4.20
CA ASP A 132 -17.07 -3.37 5.54
C ASP A 132 -17.41 -1.87 5.57
N ILE A 133 -18.38 -1.50 4.75
CA ILE A 133 -18.79 -0.10 4.64
C ILE A 133 -19.60 0.27 5.88
N PRO A 134 -19.27 1.36 6.57
CA PRO A 134 -20.08 1.78 7.71
C PRO A 134 -21.50 2.15 7.29
N LEU A 135 -22.45 1.82 8.16
CA LEU A 135 -23.83 2.23 7.95
C LEU A 135 -23.96 3.74 8.11
N ASP A 136 -24.82 4.34 7.30
CA ASP A 136 -25.03 5.78 7.38
C ASP A 136 -26.27 6.10 8.20
N LEU A 137 -26.27 7.29 8.79
CA LEU A 137 -27.39 7.78 9.58
C LEU A 137 -27.44 9.29 9.41
N ILE A 138 -28.61 9.86 9.74
CA ILE A 138 -28.80 11.31 9.67
C ILE A 138 -29.32 11.78 11.03
N LYS A 139 -29.28 13.10 11.22
CA LYS A 139 -29.68 13.67 12.50
C LYS A 139 -31.15 13.43 12.80
N GLU A 140 -31.99 13.38 11.77
CA GLU A 140 -33.42 13.14 11.99
C GLU A 140 -33.69 11.72 12.48
N ASN A 141 -32.76 10.80 12.27
CA ASN A 141 -32.98 9.39 12.60
C ASN A 141 -32.18 8.92 13.81
N ILE A 142 -31.63 9.85 14.60
CA ILE A 142 -30.91 9.49 15.82
C ILE A 142 -31.47 10.32 16.97
N SER A 143 -31.83 9.66 18.06
CA SER A 143 -32.31 10.33 19.25
C SER A 143 -31.80 9.57 20.47
N VAL A 144 -31.24 10.29 21.44
CA VAL A 144 -30.64 9.69 22.62
C VAL A 144 -31.39 10.20 23.84
N ASN A 145 -31.84 9.27 24.69
CA ASN A 145 -32.49 9.60 25.95
C ASN A 145 -31.77 8.86 27.08
N ARG A 146 -31.72 9.51 28.24
CA ARG A 146 -31.02 8.97 29.40
C ARG A 146 -32.01 8.66 30.51
N MET A 147 -31.94 7.44 31.03
CA MET A 147 -32.85 7.01 32.08
C MET A 147 -32.37 7.49 33.44
N ASN A 148 -33.23 7.32 34.44
CA ASN A 148 -32.92 7.82 35.78
C ASN A 148 -31.76 7.05 36.40
N HIS A 149 -31.55 5.80 36.00
CA HIS A 149 -30.54 4.94 36.62
C HIS A 149 -29.26 4.89 35.81
N GLY A 150 -28.86 6.01 35.21
CA GLY A 150 -27.57 6.11 34.56
C GLY A 150 -27.37 5.24 33.35
N ASP A 151 -28.35 5.22 32.44
CA ASP A 151 -28.23 4.49 31.19
C ASP A 151 -28.62 5.41 30.04
N TYR A 152 -27.85 5.35 28.96
CA TYR A 152 -28.10 6.13 27.76
C TYR A 152 -28.64 5.20 26.68
N ILE A 153 -29.84 5.49 26.20
CA ILE A 153 -30.51 4.66 25.20
C ILE A 153 -30.53 5.43 23.89
N ALA A 154 -29.95 4.83 22.86
CA ALA A 154 -29.88 5.43 21.53
C ALA A 154 -30.95 4.80 20.66
N SER A 155 -31.99 5.57 20.33
CA SER A 155 -33.07 5.09 19.47
C SER A 155 -32.67 5.33 18.02
N LEU A 156 -32.13 4.30 17.37
CA LEU A 156 -31.70 4.37 15.99
C LEU A 156 -32.84 3.97 15.06
N SER A 157 -32.93 4.65 13.92
CA SER A 157 -33.91 4.34 12.88
C SER A 157 -33.12 3.80 11.69
N LEU A 158 -32.97 2.48 11.63
CA LEU A 158 -32.13 1.84 10.63
C LEU A 158 -32.91 1.10 9.55
N LEU A 159 -34.15 0.70 9.80
CA LEU A 159 -34.89 -0.14 8.88
C LEU A 159 -35.95 0.65 8.14
N SER A 160 -36.45 0.06 7.06
CA SER A 160 -37.56 0.60 6.29
C SER A 160 -38.86 -0.07 6.72
N ASN A 161 -39.97 0.46 6.21
CA ASN A 161 -41.27 -0.10 6.57
C ASN A 161 -41.43 -1.54 6.12
N PRO A 162 -41.11 -1.93 4.88
CA PRO A 162 -41.17 -3.37 4.55
C PRO A 162 -40.24 -4.22 5.40
N ALA A 163 -39.06 -3.69 5.75
CA ALA A 163 -38.14 -4.45 6.59
C ALA A 163 -38.68 -4.61 8.01
N LYS A 164 -39.45 -3.63 8.49
CA LYS A 164 -40.01 -3.72 9.84
C LYS A 164 -40.98 -4.89 9.95
N GLN A 165 -41.82 -5.09 8.93
CA GLN A 165 -42.75 -6.21 8.95
C GLN A 165 -42.00 -7.54 8.88
N GLU A 166 -40.98 -7.63 8.03
CA GLU A 166 -40.26 -8.89 7.86
C GLU A 166 -39.42 -9.21 9.10
N MET A 167 -38.71 -8.23 9.63
CA MET A 167 -37.85 -8.46 10.78
C MET A 167 -38.60 -8.35 12.11
N ASN A 168 -39.90 -8.07 12.07
CA ASN A 168 -40.76 -8.07 13.24
C ASN A 168 -40.31 -7.07 14.30
N VAL A 169 -39.83 -5.91 13.87
CA VAL A 169 -39.53 -4.79 14.76
C VAL A 169 -40.49 -3.67 14.39
N LYS A 170 -41.40 -3.32 15.30
CA LYS A 170 -42.48 -2.39 15.00
C LYS A 170 -42.18 -0.96 15.44
N ARG A 171 -40.98 -0.69 15.97
CA ARG A 171 -40.62 0.65 16.43
C ARG A 171 -39.15 0.88 16.11
N LYS A 172 -38.60 1.97 16.65
CA LYS A 172 -37.20 2.28 16.43
C LYS A 172 -36.32 1.27 17.17
N ILE A 173 -35.30 0.77 16.48
CA ILE A 173 -34.36 -0.15 17.10
C ILE A 173 -33.53 0.63 18.12
N SER A 174 -33.54 0.18 19.37
CA SER A 174 -32.89 0.88 20.46
C SER A 174 -31.69 0.08 20.95
N VAL A 175 -30.62 0.80 21.32
CA VAL A 175 -29.40 0.19 21.81
C VAL A 175 -28.93 0.96 23.04
N ILE A 176 -28.10 0.31 23.84
CA ILE A 176 -27.51 0.90 25.04
C ILE A 176 -26.03 1.14 24.77
N ILE A 177 -25.58 2.37 24.98
CA ILE A 177 -24.21 2.77 24.69
C ILE A 177 -23.53 3.19 25.98
N ILE A 178 -22.21 2.96 26.05
CA ILE A 178 -21.42 3.40 27.18
C ILE A 178 -21.01 4.84 26.94
N VAL A 179 -21.39 5.72 27.85
CA VAL A 179 -21.12 7.14 27.72
C VAL A 179 -20.33 7.57 28.96
N ARG A 180 -19.01 7.55 28.84
CA ARG A 180 -18.12 7.90 29.94
C ARG A 180 -17.02 8.81 29.43
N GLY A 181 -16.17 9.29 30.35
CA GLY A 181 -15.06 10.15 29.96
C GLY A 181 -15.55 11.45 29.37
N ALA A 182 -14.80 11.96 28.39
CA ALA A 182 -15.25 13.13 27.64
C ALA A 182 -16.50 12.83 26.84
N GLY A 183 -16.78 11.55 26.56
CA GLY A 183 -18.03 11.21 25.92
C GLY A 183 -19.24 11.60 26.75
N LYS A 184 -19.11 11.51 28.07
CA LYS A 184 -20.22 11.91 28.94
C LYS A 184 -20.51 13.40 28.80
N THR A 185 -19.47 14.23 28.81
CA THR A 185 -19.67 15.66 28.64
C THR A 185 -20.23 15.98 27.26
N ILE A 186 -19.74 15.29 26.23
CA ILE A 186 -20.24 15.54 24.88
C ILE A 186 -21.71 15.19 24.78
N MET A 187 -22.11 14.04 25.35
CA MET A 187 -23.51 13.64 25.30
C MET A 187 -24.39 14.58 26.11
N ASP A 188 -23.91 15.03 27.28
CA ASP A 188 -24.68 15.96 28.08
C ASP A 188 -24.87 17.28 27.35
N ARG A 189 -23.83 17.76 26.65
CA ARG A 189 -23.96 18.98 25.88
C ARG A 189 -24.91 18.79 24.71
N ILE A 190 -24.89 17.61 24.08
CA ILE A 190 -25.82 17.34 22.99
C ILE A 190 -27.26 17.37 23.49
N LEU A 191 -27.51 16.72 24.63
CA LEU A 191 -28.86 16.69 25.19
C LEU A 191 -29.31 18.08 25.63
N SER A 192 -28.41 18.85 26.25
CA SER A 192 -28.77 20.19 26.71
C SER A 192 -29.14 21.09 25.53
N GLY A 193 -28.35 21.05 24.47
CA GLY A 193 -28.68 21.82 23.28
C GLY A 193 -27.52 22.58 22.68
N GLU A 194 -26.39 22.63 23.38
CA GLU A 194 -25.24 23.37 22.86
C GLU A 194 -24.73 22.77 21.56
N TYR A 195 -24.68 21.44 21.49
CA TYR A 195 -24.18 20.75 20.31
C TYR A 195 -25.35 20.19 19.51
N GLN A 196 -25.30 20.35 18.19
CA GLN A 196 -26.33 19.88 17.30
C GLN A 196 -25.82 18.69 16.49
N VAL A 197 -26.55 17.58 16.55
CA VAL A 197 -26.12 16.36 15.89
C VAL A 197 -26.25 16.53 14.38
N SER A 198 -25.31 15.93 13.65
CA SER A 198 -25.32 15.91 12.19
C SER A 198 -25.40 14.45 11.73
N ALA A 199 -25.23 14.25 10.42
CA ALA A 199 -25.23 12.90 9.88
C ALA A 199 -24.12 12.08 10.53
N SER A 200 -24.47 10.89 11.00
CA SER A 200 -23.58 10.04 11.76
C SER A 200 -23.42 8.69 11.08
N GLN A 201 -22.74 7.77 11.75
CA GLN A 201 -22.41 6.49 11.16
C GLN A 201 -22.36 5.41 12.23
N ILE A 202 -22.38 4.15 11.79
CA ILE A 202 -22.14 3.00 12.63
C ILE A 202 -20.94 2.26 12.07
N ILE A 203 -19.92 2.04 12.89
CA ILE A 203 -18.69 1.40 12.45
C ILE A 203 -18.43 0.18 13.32
N HIS A 204 -17.69 -0.78 12.74
CA HIS A 204 -17.37 -2.04 13.39
C HIS A 204 -15.87 -2.16 13.54
N ASP A 205 -15.43 -2.54 14.74
CA ASP A 205 -14.02 -2.72 15.04
C ASP A 205 -13.72 -4.20 15.10
N ASP A 206 -12.99 -4.69 14.08
CA ASP A 206 -12.77 -6.13 13.96
C ASP A 206 -11.89 -6.67 15.09
N ARG A 207 -10.91 -5.88 15.54
CA ARG A 207 -9.97 -6.38 16.55
C ARG A 207 -10.69 -6.73 17.84
N LYS A 208 -11.64 -5.90 18.27
CA LYS A 208 -12.36 -6.12 19.51
C LYS A 208 -13.78 -6.63 19.29
N ASN A 209 -14.22 -6.78 18.05
CA ASN A 209 -15.58 -7.21 17.74
C ASN A 209 -16.61 -6.33 18.43
N LYS A 210 -16.39 -5.03 18.36
CA LYS A 210 -17.23 -4.05 19.03
C LYS A 210 -17.84 -3.09 18.02
N TRP A 211 -19.13 -2.84 18.15
CA TRP A 211 -19.82 -1.86 17.32
C TRP A 211 -19.82 -0.50 18.02
N TYR A 212 -19.67 0.55 17.23
CA TYR A 212 -19.60 1.91 17.77
C TYR A 212 -20.60 2.81 17.06
N LEU A 213 -21.15 3.75 17.82
CA LEU A 213 -22.02 4.78 17.27
C LEU A 213 -21.19 6.04 17.09
N ASN A 214 -21.06 6.49 15.84
CA ASN A 214 -20.14 7.57 15.49
C ASN A 214 -20.93 8.86 15.30
N ILE A 215 -21.22 9.52 16.42
CA ILE A 215 -22.01 10.74 16.40
C ILE A 215 -21.11 11.90 15.98
N SER A 216 -21.54 12.65 14.96
CA SER A 216 -20.85 13.85 14.52
C SER A 216 -21.73 15.06 14.81
N TYR A 217 -21.18 16.03 15.53
CA TYR A 217 -21.96 17.18 16.02
C TYR A 217 -21.37 18.47 15.51
N ASP A 218 -22.14 19.54 15.67
CA ASP A 218 -21.75 20.88 15.28
C ASP A 218 -21.80 21.80 16.50
N PHE A 219 -20.80 22.68 16.61
CA PHE A 219 -20.70 23.51 17.80
C PHE A 219 -20.00 24.81 17.46
N GLU A 220 -20.19 25.81 18.32
CA GLU A 220 -19.56 27.11 18.15
C GLU A 220 -18.31 27.17 19.03
N PRO A 221 -17.12 27.19 18.47
CA PRO A 221 -15.91 27.26 19.30
C PRO A 221 -15.81 28.59 20.02
N GLN A 222 -15.20 28.54 21.20
CA GLN A 222 -15.03 29.74 22.02
C GLN A 222 -13.85 30.53 21.47
N THR A 223 -14.14 31.60 20.75
CA THR A 223 -13.11 32.45 20.15
C THR A 223 -12.74 33.54 21.15
N ARG A 224 -11.49 33.52 21.61
CA ARG A 224 -11.01 34.51 22.55
C ARG A 224 -10.43 35.71 21.79
N VAL A 225 -9.74 36.59 22.50
CA VAL A 225 -9.10 37.76 21.90
C VAL A 225 -7.62 37.47 21.82
N LEU A 226 -7.10 37.35 20.60
CA LEU A 226 -5.68 37.09 20.37
C LEU A 226 -5.24 37.95 19.19
N ASP A 227 -4.24 38.80 19.41
CA ASP A 227 -3.73 39.65 18.35
C ASP A 227 -3.02 38.83 17.29
N LEU A 228 -3.09 39.29 16.05
CA LEU A 228 -2.46 38.61 14.93
C LEU A 228 -0.98 38.92 14.78
N ASN A 229 -0.44 39.86 15.56
CA ASN A 229 0.96 40.22 15.49
C ASN A 229 1.81 39.51 16.54
N LYS A 230 1.35 38.34 16.98
CA LYS A 230 2.13 37.46 17.84
C LYS A 230 2.17 36.09 17.18
N ILE A 231 3.35 35.70 16.69
CA ILE A 231 3.49 34.60 15.75
C ILE A 231 4.44 33.56 16.32
N MET A 232 4.01 32.31 16.30
CA MET A 232 4.84 31.16 16.69
C MET A 232 5.15 30.34 15.45
N GLY A 233 6.43 30.03 15.25
CA GLY A 233 6.86 29.23 14.14
C GLY A 233 7.10 27.79 14.55
N ILE A 234 6.95 26.88 13.59
CA ILE A 234 7.15 25.45 13.82
C ILE A 234 8.00 24.90 12.69
N ASP A 235 9.07 24.19 13.05
CA ASP A 235 9.93 23.52 12.08
C ASP A 235 10.06 22.06 12.47
N LEU A 236 9.81 21.17 11.51
CA LEU A 236 10.06 19.75 11.73
C LEU A 236 11.56 19.50 11.68
N GLY A 237 12.22 19.66 12.82
CA GLY A 237 13.66 19.78 12.84
C GLY A 237 14.40 18.48 12.57
N VAL A 238 15.72 18.61 12.44
CA VAL A 238 16.58 17.47 12.16
C VAL A 238 16.82 16.64 13.42
N ALA A 239 17.09 17.30 14.55
CA ALA A 239 17.32 16.60 15.80
C ALA A 239 16.02 16.43 16.58
N VAL A 240 15.35 17.53 16.89
CA VAL A 240 14.09 17.51 17.61
C VAL A 240 12.96 17.35 16.60
N ALA A 241 11.94 16.58 16.97
CA ALA A 241 10.83 16.32 16.05
C ALA A 241 10.13 17.61 15.64
N VAL A 242 9.86 18.49 16.61
CA VAL A 242 9.24 19.79 16.35
C VAL A 242 9.87 20.79 17.29
N TYR A 243 10.41 21.88 16.74
CA TYR A 243 10.98 22.96 17.52
C TYR A 243 10.14 24.21 17.34
N MET A 244 9.82 24.86 18.45
CA MET A 244 8.97 26.05 18.47
C MET A 244 9.79 27.26 18.88
N ALA A 245 9.52 28.40 18.23
CA ALA A 245 10.24 29.62 18.54
C ALA A 245 9.34 30.81 18.25
N PHE A 246 9.69 31.95 18.87
CA PHE A 246 8.93 33.18 18.74
C PHE A 246 9.90 34.31 18.42
N GLN A 247 9.34 35.44 17.99
CA GLN A 247 10.15 36.62 17.67
C GLN A 247 10.20 37.63 18.81
N HIS A 248 9.17 37.69 19.67
CA HIS A 248 9.15 38.66 20.75
C HIS A 248 9.68 38.13 22.06
N THR A 249 9.77 36.81 22.22
CA THR A 249 10.33 36.23 23.43
C THR A 249 11.36 35.17 23.05
N PRO A 250 12.43 35.03 23.84
CA PRO A 250 13.42 33.98 23.61
C PRO A 250 13.02 32.63 24.22
N ALA A 251 11.77 32.24 24.00
CA ALA A 251 11.22 31.01 24.57
C ALA A 251 11.30 29.89 23.56
N ARG A 252 11.81 28.74 23.98
CA ARG A 252 11.97 27.59 23.12
C ARG A 252 11.26 26.39 23.73
N TYR A 253 10.46 25.71 22.92
CA TYR A 253 9.79 24.48 23.33
C TYR A 253 10.12 23.38 22.32
N LYS A 254 10.53 22.23 22.83
CA LYS A 254 10.99 21.14 21.98
C LYS A 254 10.16 19.89 22.25
N LEU A 255 10.10 19.02 21.24
CA LEU A 255 9.33 17.78 21.26
C LEU A 255 10.17 16.62 20.75
N GLU A 256 11.37 16.46 21.31
CA GLU A 256 12.29 15.43 20.86
C GLU A 256 11.63 14.07 20.90
N GLY A 257 11.87 13.29 19.84
CA GLY A 257 11.18 12.02 19.63
C GLY A 257 11.75 10.84 20.40
N GLY A 258 11.41 10.74 21.68
CA GLY A 258 11.90 9.62 22.48
C GLY A 258 11.49 8.28 21.93
N GLU A 259 10.28 8.19 21.38
CA GLU A 259 9.79 6.95 20.78
C GLU A 259 9.01 7.31 19.52
N ILE A 260 9.66 7.19 18.36
CA ILE A 260 9.03 7.54 17.10
C ILE A 260 9.05 6.37 16.13
N GLU A 261 10.25 5.97 15.69
CA GLU A 261 10.38 4.95 14.66
C GLU A 261 10.57 3.55 15.23
N ASN A 262 10.81 3.43 16.53
CA ASN A 262 11.02 2.12 17.14
C ASN A 262 9.77 1.26 17.00
N PHE A 263 8.59 1.85 17.19
CA PHE A 263 7.36 1.09 17.11
C PHE A 263 7.14 0.54 15.70
N ARG A 264 7.33 1.39 14.68
CA ARG A 264 7.16 0.92 13.31
C ARG A 264 8.18 -0.14 12.97
N ARG A 265 9.43 0.04 13.40
CA ARG A 265 10.45 -0.97 13.11
C ARG A 265 10.08 -2.31 13.73
N GLN A 266 9.65 -2.30 14.99
CA GLN A 266 9.30 -3.54 15.67
C GLN A 266 8.12 -4.22 15.00
N VAL A 267 7.07 -3.46 14.69
CA VAL A 267 5.88 -4.07 14.10
C VAL A 267 6.20 -4.62 12.71
N GLU A 268 6.94 -3.88 11.89
CA GLU A 268 7.30 -4.37 10.57
C GLU A 268 8.19 -5.59 10.63
N SER A 269 9.15 -5.61 11.57
CA SER A 269 10.01 -6.78 11.72
C SER A 269 9.20 -8.01 12.10
N ARG A 270 8.29 -7.86 13.06
CA ARG A 270 7.47 -9.00 13.46
C ARG A 270 6.58 -9.46 12.32
N ARG A 271 5.97 -8.52 11.58
CA ARG A 271 5.08 -8.89 10.48
C ARG A 271 5.83 -9.65 9.40
N ILE A 272 7.02 -9.16 9.03
CA ILE A 272 7.80 -9.83 8.01
C ILE A 272 8.24 -11.22 8.50
N SER A 273 8.63 -11.30 9.77
CA SER A 273 9.10 -12.58 10.31
C SER A 273 8.00 -13.62 10.29
N MET A 274 6.80 -13.26 10.72
CA MET A 274 5.72 -14.24 10.75
C MET A 274 5.18 -14.54 9.35
N LEU A 275 5.21 -13.55 8.45
CA LEU A 275 4.77 -13.79 7.09
C LEU A 275 5.67 -14.79 6.39
N ARG A 276 6.98 -14.68 6.60
CA ARG A 276 7.93 -15.60 5.98
C ARG A 276 7.88 -16.99 6.60
N GLN A 277 7.19 -17.15 7.73
CA GLN A 277 7.05 -18.46 8.35
C GLN A 277 5.95 -19.29 7.72
N GLY A 278 5.19 -18.73 6.77
CA GLY A 278 4.14 -19.49 6.11
C GLY A 278 4.66 -20.65 5.29
N LYS A 279 5.92 -20.61 4.88
CA LYS A 279 6.50 -21.69 4.09
C LYS A 279 6.82 -22.92 4.94
N TYR A 280 7.24 -22.73 6.18
CA TYR A 280 7.54 -23.84 7.10
C TYR A 280 6.72 -23.62 8.37
N ALA A 281 5.48 -24.13 8.38
CA ALA A 281 4.60 -23.95 9.50
C ALA A 281 3.85 -25.26 9.73
N GLY A 282 2.88 -25.23 10.63
CA GLY A 282 2.08 -26.40 10.91
C GLY A 282 1.15 -26.74 9.75
N GLY A 283 0.54 -27.91 9.85
CA GLY A 283 -0.34 -28.38 8.80
C GLY A 283 -1.69 -27.72 8.74
N ALA A 284 -2.04 -26.90 9.73
CA ALA A 284 -3.32 -26.23 9.77
C ALA A 284 -3.27 -24.79 9.28
N ARG A 285 -2.10 -24.32 8.83
CA ARG A 285 -1.99 -22.96 8.31
C ARG A 285 -2.10 -22.88 6.81
N GLY A 286 -1.80 -23.97 6.10
CA GLY A 286 -1.92 -24.01 4.65
C GLY A 286 -3.08 -24.89 4.23
N GLY A 287 -3.75 -24.50 3.15
CA GLY A 287 -4.87 -25.25 2.63
C GLY A 287 -6.23 -24.73 3.00
N HIS A 288 -6.33 -23.58 3.65
CA HIS A 288 -7.60 -23.02 4.08
C HIS A 288 -7.89 -21.64 3.54
N GLY A 289 -6.98 -21.05 2.76
CA GLY A 289 -7.23 -19.78 2.11
C GLY A 289 -6.22 -18.72 2.50
N ARG A 290 -6.29 -17.61 1.77
CA ARG A 290 -5.37 -16.50 1.99
C ARG A 290 -5.56 -15.90 3.37
N ASP A 291 -6.81 -15.70 3.80
CA ASP A 291 -7.06 -15.08 5.09
C ASP A 291 -6.50 -15.92 6.24
N LYS A 292 -6.62 -17.25 6.14
CA LYS A 292 -6.08 -18.10 7.19
C LYS A 292 -4.57 -18.23 7.11
N ARG A 293 -3.99 -18.20 5.90
CA ARG A 293 -2.53 -18.26 5.79
C ARG A 293 -1.88 -17.02 6.39
N ILE A 294 -2.55 -15.87 6.29
CA ILE A 294 -2.02 -14.62 6.83
C ILE A 294 -2.66 -14.28 8.18
N LYS A 295 -3.18 -15.28 8.88
CA LYS A 295 -3.83 -15.02 10.16
C LYS A 295 -2.92 -14.39 11.22
N PRO A 296 -1.67 -14.84 11.42
CA PRO A 296 -0.89 -14.30 12.55
C PRO A 296 -0.66 -12.80 12.51
N ILE A 297 -0.73 -12.16 11.33
CA ILE A 297 -0.45 -10.73 11.25
C ILE A 297 -1.65 -9.87 11.63
N GLU A 298 -2.79 -10.47 11.94
CA GLU A 298 -3.96 -9.70 12.37
C GLU A 298 -3.74 -9.02 13.71
N GLN A 299 -2.79 -9.50 14.52
CA GLN A 299 -2.46 -8.80 15.75
C GLN A 299 -1.81 -7.46 15.46
N LEU A 300 -1.04 -7.37 14.37
CA LEU A 300 -0.37 -6.13 13.98
C LEU A 300 -1.18 -5.32 12.98
N ARG A 301 -2.51 -5.38 13.04
CA ARG A 301 -3.33 -4.70 12.04
C ARG A 301 -3.21 -3.18 12.17
N ASP A 302 -3.36 -2.65 13.39
CA ASP A 302 -3.47 -1.21 13.58
C ASP A 302 -2.53 -0.68 14.66
N LYS A 303 -1.45 -1.40 14.96
CA LYS A 303 -0.55 -0.92 16.01
C LYS A 303 0.26 0.29 15.55
N ILE A 304 0.77 0.25 14.32
CA ILE A 304 1.54 1.38 13.81
C ILE A 304 0.66 2.62 13.68
N ALA A 305 -0.53 2.45 13.12
CA ALA A 305 -1.39 3.61 12.86
C ALA A 305 -1.93 4.21 14.16
N ASN A 306 -2.39 3.36 15.09
CA ASN A 306 -3.00 3.89 16.31
C ASN A 306 -1.96 4.53 17.21
N PHE A 307 -0.74 3.99 17.24
CA PHE A 307 0.33 4.61 18.02
C PHE A 307 0.65 5.99 17.50
N ARG A 308 0.72 6.15 16.18
CA ARG A 308 1.03 7.45 15.60
C ARG A 308 -0.14 8.41 15.78
N ASP A 309 -1.37 7.91 15.72
CA ASP A 309 -2.53 8.77 15.89
C ASP A 309 -2.54 9.38 17.29
N THR A 310 -2.24 8.58 18.31
CA THR A 310 -2.14 9.12 19.66
C THR A 310 -0.92 10.00 19.83
N THR A 311 0.21 9.61 19.22
CA THR A 311 1.42 10.42 19.31
C THR A 311 1.23 11.78 18.65
N ASN A 312 0.58 11.81 17.48
CA ASN A 312 0.33 13.08 16.82
C ASN A 312 -0.68 13.92 17.59
N HIS A 313 -1.59 13.29 18.34
CA HIS A 313 -2.49 14.05 19.19
C HIS A 313 -1.76 14.70 20.35
N ARG A 314 -0.84 13.97 20.98
CA ARG A 314 -0.09 14.52 22.10
C ARG A 314 0.78 15.69 21.66
N TYR A 315 1.42 15.56 20.50
CA TYR A 315 2.25 16.64 19.99
C TYR A 315 1.41 17.87 19.65
N SER A 316 0.27 17.66 19.00
CA SER A 316 -0.54 18.79 18.53
C SER A 316 -1.12 19.58 19.69
N ARG A 317 -1.64 18.89 20.70
CA ARG A 317 -2.23 19.59 21.84
C ARG A 317 -1.18 20.39 22.60
N TYR A 318 0.02 19.81 22.76
CA TYR A 318 1.10 20.54 23.41
C TYR A 318 1.48 21.79 22.61
N ILE A 319 1.51 21.67 21.29
CA ILE A 319 1.85 22.80 20.43
C ILE A 319 0.82 23.91 20.58
N VAL A 320 -0.46 23.55 20.52
CA VAL A 320 -1.52 24.55 20.61
C VAL A 320 -1.53 25.21 21.98
N ASP A 321 -1.35 24.43 23.05
CA ASP A 321 -1.35 25.00 24.39
C ASP A 321 -0.19 25.98 24.59
N MET A 322 0.96 25.71 23.98
CA MET A 322 2.08 26.65 24.09
C MET A 322 1.76 27.97 23.41
N ALA A 323 0.98 27.94 22.32
CA ALA A 323 0.59 29.18 21.66
C ALA A 323 -0.26 30.05 22.58
N ILE A 324 -1.19 29.43 23.31
CA ILE A 324 -2.02 30.17 24.25
C ILE A 324 -1.19 30.68 25.42
N LYS A 325 -0.21 29.89 25.87
CA LYS A 325 0.57 30.27 27.03
C LYS A 325 1.38 31.54 26.78
N GLU A 326 1.95 31.66 25.58
CA GLU A 326 2.67 32.87 25.22
C GLU A 326 1.77 33.95 24.63
N GLY A 327 0.49 33.66 24.43
CA GLY A 327 -0.43 34.66 23.92
C GLY A 327 -0.42 34.85 22.42
N CYS A 328 0.08 33.86 21.67
CA CYS A 328 0.17 33.99 20.23
C CYS A 328 -1.23 33.91 19.60
N GLY A 329 -1.30 34.35 18.35
CA GLY A 329 -2.54 34.31 17.60
C GLY A 329 -2.34 33.86 16.17
N THR A 330 -1.12 33.41 15.86
CA THR A 330 -0.78 32.94 14.53
C THR A 330 0.30 31.88 14.64
N ILE A 331 0.13 30.79 13.90
CA ILE A 331 1.10 29.69 13.87
C ILE A 331 1.53 29.49 12.43
N GLN A 332 2.76 29.87 12.12
CA GLN A 332 3.31 29.66 10.79
C GLN A 332 4.15 28.39 10.76
N MET A 333 3.96 27.59 9.72
CA MET A 333 4.66 26.32 9.59
C MET A 333 5.09 26.17 8.12
N GLU A 334 5.51 24.98 7.77
CA GLU A 334 6.11 24.70 6.47
C GLU A 334 5.08 24.10 5.52
N ASP A 335 5.38 24.21 4.22
CA ASP A 335 4.56 23.65 3.15
C ASP A 335 5.30 22.45 2.58
N LEU A 336 5.03 21.28 3.16
CA LEU A 336 5.69 20.04 2.76
C LEU A 336 5.10 19.43 1.50
N THR A 337 4.26 20.17 0.76
CA THR A 337 3.60 19.61 -0.40
C THR A 337 4.62 19.19 -1.45
N ASN A 338 4.41 18.01 -2.04
CA ASN A 338 5.30 17.41 -3.02
C ASN A 338 6.71 17.17 -2.47
N ILE A 339 6.83 17.02 -1.15
CA ILE A 339 8.09 16.74 -0.46
C ILE A 339 9.16 17.75 -0.87
N ARG A 340 8.74 18.98 -1.16
CA ARG A 340 9.69 20.02 -1.54
C ARG A 340 10.56 20.45 -0.36
N ASP A 341 10.11 20.22 0.86
CA ASP A 341 10.80 20.72 2.04
C ASP A 341 12.00 19.85 2.37
N ILE A 342 12.57 20.04 3.56
CA ILE A 342 13.80 19.37 3.95
C ILE A 342 13.58 17.86 3.95
N GLY A 343 14.50 17.14 3.31
CA GLY A 343 14.45 15.69 3.28
C GLY A 343 15.04 15.00 4.49
N SER A 344 15.60 15.75 5.42
CA SER A 344 16.23 15.20 6.62
C SER A 344 15.52 15.77 7.85
N ARG A 345 14.54 15.03 8.36
CA ARG A 345 13.87 15.35 9.60
C ARG A 345 14.05 14.19 10.57
N PHE A 346 13.95 14.48 11.87
CA PHE A 346 14.18 13.44 12.86
C PHE A 346 13.20 12.29 12.70
N LEU A 347 11.94 12.60 12.47
CA LEU A 347 10.97 11.58 12.12
C LEU A 347 11.29 11.02 10.74
N GLN A 348 11.30 9.70 10.61
CA GLN A 348 11.72 9.07 9.36
C GLN A 348 10.53 8.79 8.44
N ASN A 349 9.60 7.96 8.88
CA ASN A 349 8.42 7.62 8.10
C ASN A 349 7.15 8.07 8.80
N TRP A 350 7.23 9.15 9.57
CA TRP A 350 6.09 9.68 10.29
C TRP A 350 5.04 10.21 9.31
N THR A 351 3.85 10.47 9.85
CA THR A 351 2.78 11.08 9.08
C THR A 351 2.73 12.56 9.44
N TYR A 352 3.60 13.33 8.78
CA TYR A 352 3.65 14.77 9.02
C TYR A 352 2.34 15.44 8.63
N TYR A 353 1.67 14.92 7.61
CA TYR A 353 0.41 15.52 7.19
C TYR A 353 -0.64 15.43 8.28
N ASP A 354 -0.71 14.28 8.97
CA ASP A 354 -1.67 14.14 10.06
C ASP A 354 -1.35 15.09 11.21
N LEU A 355 -0.06 15.24 11.54
CA LEU A 355 0.33 16.18 12.58
C LEU A 355 -0.04 17.61 12.21
N GLN A 356 0.21 18.00 10.95
CA GLN A 356 -0.14 19.34 10.50
C GLN A 356 -1.64 19.56 10.53
N GLN A 357 -2.42 18.56 10.08
CA GLN A 357 -3.87 18.68 10.10
C GLN A 357 -4.40 18.79 11.53
N LYS A 358 -3.84 18.00 12.44
CA LYS A 358 -4.26 18.09 13.84
C LYS A 358 -3.95 19.46 14.42
N ILE A 359 -2.76 19.99 14.14
CA ILE A 359 -2.41 21.32 14.63
C ILE A 359 -3.37 22.34 14.06
N ILE A 360 -3.70 22.22 12.78
CA ILE A 360 -4.58 23.20 12.13
C ILE A 360 -5.95 23.21 12.79
N TYR A 361 -6.55 22.03 12.97
CA TYR A 361 -7.92 22.01 13.48
C TYR A 361 -7.97 22.35 14.97
N LYS A 362 -6.96 21.94 15.75
CA LYS A 362 -6.96 22.32 17.17
C LYS A 362 -6.72 23.82 17.34
N ALA A 363 -5.86 24.42 16.51
CA ALA A 363 -5.68 25.86 16.54
C ALA A 363 -6.96 26.58 16.14
N GLU A 364 -7.67 26.05 15.14
CA GLU A 364 -8.94 26.65 14.75
C GLU A 364 -9.95 26.59 15.88
N GLU A 365 -9.98 25.48 16.61
CA GLU A 365 -10.80 25.42 17.82
C GLU A 365 -10.39 26.48 18.83
N ALA A 366 -9.08 26.64 19.02
CA ALA A 366 -8.56 27.60 19.99
C ALA A 366 -8.52 29.03 19.46
N GLY A 367 -9.13 29.30 18.31
CA GLY A 367 -9.13 30.64 17.75
C GLY A 367 -7.77 31.14 17.31
N ILE A 368 -6.96 30.28 16.70
CA ILE A 368 -5.64 30.63 16.20
C ILE A 368 -5.59 30.34 14.71
N LYS A 369 -5.10 31.30 13.94
CA LYS A 369 -4.99 31.16 12.50
C LYS A 369 -3.64 30.54 12.13
N VAL A 370 -3.66 29.53 11.28
CA VAL A 370 -2.46 28.81 10.86
C VAL A 370 -2.20 29.16 9.39
N ILE A 371 -0.98 29.62 9.11
CA ILE A 371 -0.58 30.02 7.77
C ILE A 371 0.61 29.19 7.35
N LYS A 372 0.55 28.63 6.15
CA LYS A 372 1.65 27.86 5.59
C LYS A 372 2.49 28.75 4.68
N ILE A 373 3.82 28.60 4.77
CA ILE A 373 4.75 29.37 3.98
C ILE A 373 5.71 28.42 3.27
N ASP A 374 6.16 28.84 2.09
CA ASP A 374 7.09 28.03 1.31
C ASP A 374 8.50 28.16 1.89
N PRO A 375 9.14 27.07 2.28
CA PRO A 375 10.49 27.16 2.84
C PRO A 375 11.57 27.08 1.78
N GLN A 376 12.50 28.04 1.79
CA GLN A 376 13.68 28.01 0.93
C GLN A 376 14.86 28.53 1.73
N TYR A 377 15.86 27.67 1.93
CA TYR A 377 17.06 28.00 2.70
C TYR A 377 16.71 28.44 4.12
N THR A 378 15.58 27.97 4.64
CA THR A 378 15.12 28.40 5.95
C THR A 378 16.09 27.96 7.04
N SER A 379 16.62 26.74 6.93
CA SER A 379 17.58 26.25 7.92
C SER A 379 18.94 26.92 7.80
N GLN A 380 19.18 27.67 6.73
CA GLN A 380 20.46 28.33 6.52
C GLN A 380 20.38 29.85 6.72
N ARG A 381 19.20 30.44 6.65
CA ARG A 381 19.05 31.87 6.85
C ARG A 381 19.36 32.26 8.29
N CYS A 382 19.97 33.42 8.45
CA CYS A 382 20.31 33.95 9.78
C CYS A 382 19.17 34.84 10.25
N SER A 383 18.56 34.47 11.37
CA SER A 383 17.44 35.25 11.89
C SER A 383 17.87 36.64 12.31
N GLU A 384 19.04 36.76 12.93
CA GLU A 384 19.51 38.06 13.40
C GLU A 384 19.82 39.00 12.25
N CYS A 385 20.46 38.49 11.19
CA CYS A 385 20.95 39.32 10.11
C CYS A 385 20.09 39.27 8.86
N GLY A 386 19.85 38.07 8.33
CA GLY A 386 19.16 37.90 7.07
C GLY A 386 20.04 37.47 5.92
N ASN A 387 21.30 37.15 6.18
CA ASN A 387 22.22 36.73 5.12
C ASN A 387 21.93 35.27 4.77
N ILE A 388 21.46 35.05 3.54
CA ILE A 388 21.17 33.70 3.07
C ILE A 388 22.46 33.06 2.57
N ASP A 389 23.14 32.34 3.45
CA ASP A 389 24.38 31.66 3.11
C ASP A 389 24.27 30.19 3.48
N SER A 390 24.77 29.33 2.59
CA SER A 390 24.65 27.88 2.75
C SER A 390 25.84 27.26 3.49
N GLY A 391 26.76 28.08 4.00
CA GLY A 391 27.97 27.56 4.62
C GLY A 391 27.82 27.12 6.06
N ASN A 392 26.62 27.22 6.63
CA ASN A 392 26.39 26.87 8.03
C ASN A 392 25.68 25.53 8.19
N ARG A 393 25.72 24.69 7.16
CA ARG A 393 25.12 23.36 7.23
C ARG A 393 26.10 22.40 7.88
N ILE A 394 26.31 22.59 9.18
CA ILE A 394 27.22 21.73 9.96
C ILE A 394 26.36 20.58 10.47
N GLY A 395 26.16 19.60 9.60
CA GLY A 395 25.34 18.45 9.94
C GLY A 395 23.91 18.77 10.30
N GLN A 396 23.44 19.99 9.98
CA GLN A 396 22.12 20.46 10.37
C GLN A 396 21.90 20.33 11.87
N ALA A 397 22.97 20.51 12.64
CA ALA A 397 22.92 20.38 14.09
C ALA A 397 23.28 21.66 14.82
N ILE A 398 24.36 22.32 14.42
CA ILE A 398 24.80 23.57 15.05
C ILE A 398 24.84 24.65 13.98
N PHE A 399 24.24 25.80 14.27
CA PHE A 399 24.20 26.92 13.35
C PHE A 399 25.12 28.01 13.87
N LYS A 400 26.06 28.45 13.03
CA LYS A 400 27.06 29.44 13.40
C LYS A 400 27.10 30.53 12.33
N CYS A 401 26.53 31.69 12.66
CA CYS A 401 26.48 32.80 11.72
C CYS A 401 27.83 33.53 11.71
N ARG A 402 28.61 33.31 10.66
CA ARG A 402 29.91 33.96 10.56
C ARG A 402 29.77 35.48 10.48
N ALA A 403 28.80 35.97 9.71
CA ALA A 403 28.65 37.40 9.51
C ALA A 403 28.20 38.15 10.75
N CYS A 404 27.77 37.44 11.79
CA CYS A 404 27.31 38.09 13.01
C CYS A 404 27.85 37.46 14.28
N GLY A 405 28.64 36.39 14.19
CA GLY A 405 29.13 35.72 15.39
C GLY A 405 28.03 35.16 16.25
N TYR A 406 27.00 34.60 15.63
CA TYR A 406 25.83 34.06 16.34
C TYR A 406 25.87 32.55 16.30
N GLU A 407 25.79 31.93 17.47
CA GLU A 407 25.82 30.48 17.58
C GLU A 407 24.59 30.00 18.34
N ALA A 408 23.84 29.08 17.73
CA ALA A 408 22.64 28.53 18.33
C ALA A 408 22.26 27.26 17.59
N ASN A 409 21.28 26.55 18.14
CA ASN A 409 20.80 25.33 17.52
C ASN A 409 20.13 25.64 16.18
N ALA A 410 20.32 24.73 15.22
CA ALA A 410 19.75 24.94 13.88
C ALA A 410 18.23 24.90 13.90
N ASP A 411 17.66 24.02 14.74
CA ASP A 411 16.20 23.92 14.81
C ASP A 411 15.59 25.21 15.34
N TYR A 412 16.22 25.81 16.36
CA TYR A 412 15.72 27.08 16.89
C TYR A 412 15.78 28.18 15.84
N ASN A 413 16.88 28.25 15.08
CA ASN A 413 16.98 29.26 14.04
C ASN A 413 15.95 29.05 12.94
N ALA A 414 15.71 27.79 12.56
CA ALA A 414 14.71 27.52 11.54
C ALA A 414 13.33 27.94 12.01
N ALA A 415 12.98 27.59 13.25
CA ALA A 415 11.68 27.98 13.78
C ALA A 415 11.55 29.49 13.90
N ARG A 416 12.63 30.17 14.29
CA ARG A 416 12.60 31.63 14.37
C ARG A 416 12.40 32.26 13.01
N ASN A 417 13.07 31.73 11.98
CA ASN A 417 12.91 32.28 10.63
C ASN A 417 11.50 32.03 10.12
N ILE A 418 10.92 30.86 10.39
CA ILE A 418 9.53 30.65 10.01
C ILE A 418 8.61 31.59 10.79
N ALA A 419 9.02 31.99 12.00
CA ALA A 419 8.19 32.87 12.81
C ALA A 419 8.18 34.31 12.30
N ILE A 420 9.12 34.68 11.45
CA ILE A 420 9.12 36.05 10.92
C ILE A 420 8.01 36.18 9.88
N PRO A 421 7.11 37.15 10.02
CA PRO A 421 5.98 37.26 9.09
C PRO A 421 6.44 37.52 7.67
N ASN A 422 5.73 36.93 6.71
CA ASN A 422 6.06 37.04 5.29
C ASN A 422 7.52 36.65 5.03
N ILE A 423 7.94 35.54 5.64
CA ILE A 423 9.32 35.07 5.46
C ILE A 423 9.55 34.65 4.01
N ASP A 424 8.53 34.08 3.37
CA ASP A 424 8.68 33.63 1.99
C ASP A 424 8.99 34.81 1.06
N LYS A 425 8.21 35.88 1.17
CA LYS A 425 8.44 37.05 0.34
C LYS A 425 9.77 37.71 0.66
N ILE A 426 10.15 37.72 1.94
CA ILE A 426 11.44 38.31 2.31
C ILE A 426 12.58 37.54 1.65
N ILE A 427 12.51 36.20 1.69
CA ILE A 427 13.55 35.39 1.05
C ILE A 427 13.55 35.63 -0.46
N ALA A 428 12.37 35.66 -1.07
CA ALA A 428 12.29 35.85 -2.52
C ALA A 428 12.90 37.18 -2.94
N GLU A 429 12.64 38.24 -2.17
CA GLU A 429 13.28 39.52 -2.47
C GLU A 429 14.76 39.49 -2.17
N SER A 430 15.18 38.73 -1.15
CA SER A 430 16.58 38.74 -0.75
C SER A 430 17.48 38.06 -1.77
N ILE A 431 17.00 36.98 -2.40
CA ILE A 431 17.85 36.23 -3.33
C ILE A 431 17.29 36.17 -4.74
N LYS A 432 15.99 36.36 -4.94
CA LYS A 432 15.44 36.28 -6.29
C LYS A 432 14.87 37.62 -6.74
N MET B 11 5.55 -21.25 -19.02
CA MET B 11 5.57 -21.29 -20.48
C MET B 11 5.76 -19.90 -21.07
N ILE B 12 5.04 -18.92 -20.53
CA ILE B 12 5.11 -17.53 -21.00
C ILE B 12 5.54 -16.66 -19.84
N LYS B 13 6.67 -15.97 -19.99
CA LYS B 13 7.17 -15.02 -19.01
C LYS B 13 7.72 -13.80 -19.74
N VAL B 14 7.86 -12.71 -19.00
CA VAL B 14 8.15 -11.41 -19.59
C VAL B 14 9.45 -10.86 -19.03
N TYR B 15 10.15 -10.10 -19.87
CA TYR B 15 11.33 -9.36 -19.46
C TYR B 15 11.25 -7.94 -19.99
N ARG B 16 11.94 -7.02 -19.31
CA ARG B 16 11.90 -5.60 -19.64
C ARG B 16 13.22 -5.17 -20.27
N TYR B 17 13.11 -4.35 -21.32
CA TYR B 17 14.29 -3.78 -21.98
C TYR B 17 14.06 -2.29 -22.17
N GLU B 18 14.94 -1.48 -21.57
CA GLU B 18 14.83 -0.04 -21.70
C GLU B 18 15.14 0.38 -23.13
N ILE B 19 14.45 1.42 -23.60
CA ILE B 19 14.60 1.90 -24.97
C ILE B 19 15.58 3.07 -24.96
N VAL B 20 16.65 2.97 -25.76
CA VAL B 20 17.65 4.02 -25.81
C VAL B 20 17.20 5.14 -26.74
N LYS B 21 16.96 4.81 -28.01
CA LYS B 21 16.66 5.83 -29.01
C LYS B 21 15.99 5.17 -30.20
N PRO B 22 15.15 5.90 -30.92
CA PRO B 22 14.69 5.41 -32.23
C PRO B 22 15.85 5.43 -33.23
N LEU B 23 15.85 4.44 -34.12
CA LEU B 23 16.96 4.30 -35.06
C LEU B 23 16.90 5.34 -36.16
N ASP B 24 15.71 5.61 -36.70
CA ASP B 24 15.56 6.45 -37.88
C ASP B 24 14.69 7.68 -37.65
N LEU B 25 14.27 7.95 -36.42
CA LEU B 25 13.44 9.10 -36.12
C LEU B 25 13.97 9.81 -34.88
N ASP B 26 13.75 11.12 -34.84
CA ASP B 26 14.10 11.89 -33.66
C ASP B 26 13.17 11.52 -32.50
N TRP B 27 13.65 11.79 -31.29
CA TRP B 27 12.88 11.40 -30.11
C TRP B 27 11.57 12.15 -30.00
N LYS B 28 11.49 13.36 -30.57
CA LYS B 28 10.27 14.16 -30.46
C LYS B 28 9.12 13.50 -31.23
N GLU B 29 9.38 13.10 -32.47
CA GLU B 29 8.33 12.45 -33.25
C GLU B 29 7.93 11.12 -32.63
N PHE B 30 8.91 10.37 -32.13
CA PHE B 30 8.61 9.10 -31.46
C PHE B 30 7.71 9.33 -30.25
N GLY B 31 8.02 10.34 -29.44
CA GLY B 31 7.21 10.62 -28.27
C GLY B 31 5.81 11.09 -28.63
N THR B 32 5.70 11.91 -29.67
CA THR B 32 4.38 12.35 -30.11
C THR B 32 3.53 11.17 -30.58
N ILE B 33 4.14 10.29 -31.38
CA ILE B 33 3.43 9.10 -31.85
C ILE B 33 3.00 8.23 -30.68
N LEU B 34 3.90 8.03 -29.71
CA LEU B 34 3.58 7.18 -28.57
C LEU B 34 2.46 7.77 -27.73
N ARG B 35 2.46 9.08 -27.50
CA ARG B 35 1.39 9.69 -26.72
C ARG B 35 0.06 9.62 -27.45
N GLN B 36 0.06 9.88 -28.76
CA GLN B 36 -1.18 9.76 -29.52
C GLN B 36 -1.72 8.34 -29.47
N LEU B 37 -0.85 7.35 -29.63
CA LEU B 37 -1.30 5.97 -29.59
C LEU B 37 -1.75 5.56 -28.19
N GLN B 38 -1.13 6.12 -27.14
CA GLN B 38 -1.60 5.86 -25.79
C GLN B 38 -3.01 6.42 -25.59
N GLN B 39 -3.26 7.62 -26.11
CA GLN B 39 -4.61 8.18 -26.04
C GLN B 39 -5.61 7.30 -26.76
N GLU B 40 -5.24 6.83 -27.96
CA GLU B 40 -6.15 5.96 -28.71
C GLU B 40 -6.39 4.64 -27.96
N THR B 41 -5.35 4.09 -27.34
CA THR B 41 -5.51 2.85 -26.59
C THR B 41 -6.43 3.04 -25.38
N ARG B 42 -6.27 4.14 -24.65
CA ARG B 42 -7.14 4.39 -23.52
C ARG B 42 -8.59 4.59 -23.97
N PHE B 43 -8.78 5.31 -25.07
CA PHE B 43 -10.12 5.48 -25.61
C PHE B 43 -10.72 4.14 -26.00
N ALA B 44 -9.93 3.28 -26.64
CA ALA B 44 -10.42 1.97 -27.03
C ALA B 44 -10.80 1.14 -25.82
N LEU B 45 -9.97 1.17 -24.77
CA LEU B 45 -10.27 0.40 -23.57
C LEU B 45 -11.57 0.87 -22.92
N ASN B 46 -11.71 2.19 -22.75
CA ASN B 46 -12.90 2.72 -22.09
C ASN B 46 -14.16 2.47 -22.90
N LYS B 47 -14.10 2.73 -24.21
CA LYS B 47 -15.26 2.48 -25.05
C LYS B 47 -15.60 1.00 -25.12
N ALA B 48 -14.59 0.12 -25.09
CA ALA B 48 -14.87 -1.31 -25.08
C ALA B 48 -15.52 -1.74 -23.77
N THR B 49 -15.09 -1.16 -22.65
CA THR B 49 -15.75 -1.45 -21.37
C THR B 49 -17.21 -1.01 -21.40
N GLN B 50 -17.47 0.18 -21.93
CA GLN B 50 -18.84 0.67 -22.00
C GLN B 50 -19.69 -0.18 -22.96
N LEU B 51 -19.12 -0.58 -24.09
CA LEU B 51 -19.85 -1.43 -25.02
C LEU B 51 -20.10 -2.82 -24.44
N ALA B 52 -19.17 -3.33 -23.65
CA ALA B 52 -19.41 -4.60 -22.95
C ALA B 52 -20.53 -4.42 -21.94
N TRP B 53 -20.56 -3.29 -21.24
CA TRP B 53 -21.65 -3.00 -20.32
C TRP B 53 -22.99 -3.03 -21.04
N GLU B 54 -23.06 -2.40 -22.21
CA GLU B 54 -24.31 -2.42 -22.98
C GLU B 54 -24.65 -3.83 -23.46
N TRP B 55 -23.64 -4.58 -23.90
CA TRP B 55 -23.89 -5.89 -24.50
C TRP B 55 -24.50 -6.86 -23.49
N MET B 56 -23.99 -6.87 -22.25
CA MET B 56 -24.47 -7.81 -21.25
C MET B 56 -25.89 -7.50 -20.79
N GLY B 57 -26.45 -6.36 -21.15
CA GLY B 57 -27.77 -6.00 -20.72
C GLY B 57 -27.84 -5.23 -19.43
N PHE B 58 -26.72 -4.68 -18.97
CA PHE B 58 -26.71 -3.90 -17.74
C PHE B 58 -27.22 -2.48 -17.93
N SER B 59 -27.40 -2.03 -19.17
CA SER B 59 -27.79 -0.65 -19.41
C SER B 59 -29.17 -0.38 -18.83
N SER B 60 -29.34 0.83 -18.31
CA SER B 60 -30.60 1.21 -17.68
C SER B 60 -31.68 1.40 -18.74
N ASP B 61 -32.92 1.61 -18.25
CA ASP B 61 -34.07 1.64 -19.13
C ASP B 61 -34.03 2.83 -20.09
N TYR B 62 -33.61 4.00 -19.61
CA TYR B 62 -33.71 5.20 -20.43
C TYR B 62 -32.77 5.16 -21.63
N LYS B 63 -31.67 4.42 -21.54
CA LYS B 63 -30.71 4.39 -22.63
C LYS B 63 -31.32 3.79 -23.90
N ASP B 64 -32.30 2.91 -23.74
CA ASP B 64 -32.96 2.27 -24.88
C ASP B 64 -34.29 2.93 -25.24
N ASN B 65 -34.60 4.08 -24.63
CA ASN B 65 -35.84 4.78 -24.94
C ASN B 65 -35.55 6.20 -25.40
N LEU B 76 -27.39 -7.40 -32.20
CA LEU B 76 -26.71 -6.23 -32.75
C LEU B 76 -26.05 -6.56 -34.09
N GLY B 77 -26.15 -7.82 -34.51
CA GLY B 77 -25.62 -8.28 -35.77
C GLY B 77 -24.29 -9.00 -35.69
N TYR B 78 -23.57 -8.85 -34.57
CA TYR B 78 -22.29 -9.52 -34.38
C TYR B 78 -22.52 -10.80 -33.58
N THR B 79 -21.42 -11.43 -33.16
CA THR B 79 -21.49 -12.70 -32.44
C THR B 79 -21.07 -12.56 -30.98
N ASN B 80 -19.88 -12.05 -30.72
CA ASN B 80 -19.35 -11.89 -29.37
C ASN B 80 -19.22 -10.42 -29.03
N VAL B 81 -18.82 -10.16 -27.78
CA VAL B 81 -18.58 -8.78 -27.35
C VAL B 81 -17.40 -8.19 -28.10
N HIS B 82 -16.35 -8.98 -28.30
CA HIS B 82 -15.12 -8.47 -28.88
C HIS B 82 -15.33 -7.99 -30.30
N GLY B 83 -16.09 -8.75 -31.10
CA GLY B 83 -16.30 -8.34 -32.49
C GLY B 83 -17.05 -7.02 -32.58
N TYR B 84 -18.13 -6.88 -31.82
CA TYR B 84 -18.91 -5.65 -31.85
C TYR B 84 -18.07 -4.47 -31.36
N ALA B 85 -17.34 -4.66 -30.26
CA ALA B 85 -16.53 -3.57 -29.73
C ALA B 85 -15.42 -3.17 -30.70
N TYR B 86 -14.74 -4.16 -31.29
CA TYR B 86 -13.66 -3.86 -32.23
C TYR B 86 -14.19 -3.15 -33.47
N HIS B 87 -15.33 -3.60 -33.99
CA HIS B 87 -15.87 -2.96 -35.19
C HIS B 87 -16.36 -1.55 -34.90
N THR B 88 -16.90 -1.30 -33.70
CA THR B 88 -17.37 0.04 -33.39
C THR B 88 -16.19 0.98 -33.16
N ILE B 89 -15.18 0.55 -32.39
CA ILE B 89 -14.04 1.41 -32.08
C ILE B 89 -13.03 1.47 -33.21
N LYS B 90 -13.17 0.64 -34.24
CA LYS B 90 -12.22 0.64 -35.35
C LYS B 90 -12.21 1.97 -36.09
N THR B 91 -13.34 2.67 -36.13
CA THR B 91 -13.41 3.88 -36.94
C THR B 91 -12.64 5.02 -36.29
N LYS B 92 -12.92 5.33 -35.03
CA LYS B 92 -12.32 6.49 -34.39
C LYS B 92 -10.85 6.27 -34.08
N ALA B 93 -10.49 5.06 -33.67
CA ALA B 93 -9.10 4.74 -33.35
C ALA B 93 -8.40 4.08 -34.54
N TYR B 94 -8.29 4.84 -35.63
CA TYR B 94 -7.73 4.32 -36.87
C TYR B 94 -6.21 4.38 -36.90
N ARG B 95 -5.58 5.07 -35.95
CA ARG B 95 -4.12 5.17 -35.96
C ARG B 95 -3.45 3.88 -35.49
N LEU B 96 -4.04 3.21 -34.50
CA LEU B 96 -3.49 1.94 -34.04
C LEU B 96 -3.64 0.86 -35.09
N ASN B 97 -2.68 -0.05 -35.12
CA ASN B 97 -2.77 -1.18 -36.03
C ASN B 97 -3.93 -2.09 -35.61
N SER B 98 -4.42 -2.86 -36.58
CA SER B 98 -5.59 -3.69 -36.32
C SER B 98 -5.32 -4.73 -35.24
N GLY B 99 -4.14 -5.35 -35.29
CA GLY B 99 -3.82 -6.37 -34.30
C GLY B 99 -3.71 -5.80 -32.90
N ASN B 100 -3.01 -4.67 -32.76
CA ASN B 100 -2.86 -4.05 -31.44
C ASN B 100 -4.19 -3.59 -30.90
N LEU B 101 -5.04 -3.01 -31.76
CA LEU B 101 -6.37 -2.59 -31.35
C LEU B 101 -7.21 -3.77 -30.91
N SER B 102 -7.13 -4.89 -31.63
CA SER B 102 -7.86 -6.08 -31.25
C SER B 102 -7.39 -6.61 -29.90
N GLN B 103 -6.08 -6.60 -29.66
CA GLN B 103 -5.56 -7.04 -28.37
C GLN B 103 -6.06 -6.14 -27.25
N THR B 104 -6.10 -4.83 -27.48
CA THR B 104 -6.61 -3.90 -26.47
C THR B 104 -8.08 -4.18 -26.16
N ILE B 105 -8.89 -4.38 -27.20
CA ILE B 105 -10.30 -4.64 -27.01
C ILE B 105 -10.49 -5.96 -26.24
N LYS B 106 -9.70 -6.97 -26.59
CA LYS B 106 -9.78 -8.25 -25.89
C LYS B 106 -9.43 -8.09 -24.42
N ARG B 107 -8.39 -7.30 -24.13
CA ARG B 107 -8.04 -7.03 -22.74
C ARG B 107 -9.20 -6.40 -21.99
N ALA B 108 -9.83 -5.39 -22.58
CA ALA B 108 -10.94 -4.72 -21.92
C ALA B 108 -12.11 -5.67 -21.67
N THR B 109 -12.54 -6.39 -22.71
CA THR B 109 -13.71 -7.25 -22.56
C THR B 109 -13.42 -8.46 -21.68
N ASP B 110 -12.16 -8.91 -21.59
CA ASP B 110 -11.83 -10.00 -20.69
C ASP B 110 -11.75 -9.54 -19.26
N ARG B 111 -11.31 -8.30 -19.01
CA ARG B 111 -11.39 -7.77 -17.65
C ARG B 111 -12.84 -7.57 -17.24
N PHE B 112 -13.70 -7.17 -18.18
CA PHE B 112 -15.11 -6.99 -17.82
C PHE B 112 -15.79 -8.33 -17.55
N LYS B 113 -15.47 -9.37 -18.33
CA LYS B 113 -16.17 -10.64 -18.17
C LYS B 113 -15.74 -11.36 -16.90
N ALA B 114 -14.52 -11.14 -16.43
CA ALA B 114 -14.10 -11.74 -15.17
C ALA B 114 -14.83 -11.09 -13.99
N TYR B 115 -14.91 -9.75 -13.99
CA TYR B 115 -15.58 -9.02 -12.92
C TYR B 115 -17.08 -8.93 -13.12
N GLN B 116 -17.65 -9.71 -14.05
CA GLN B 116 -19.05 -9.55 -14.40
C GLN B 116 -19.97 -9.81 -13.22
N LYS B 117 -19.71 -10.87 -12.46
CA LYS B 117 -20.60 -11.21 -11.35
C LYS B 117 -20.57 -10.15 -10.26
N GLU B 118 -19.39 -9.60 -9.97
CA GLU B 118 -19.30 -8.54 -8.96
C GLU B 118 -20.05 -7.29 -9.39
N ILE B 119 -19.92 -6.90 -10.66
CA ILE B 119 -20.59 -5.69 -11.14
C ILE B 119 -22.11 -5.84 -11.03
N LEU B 120 -22.63 -6.99 -11.44
CA LEU B 120 -24.07 -7.23 -11.30
C LEU B 120 -24.50 -7.26 -9.85
N ARG B 121 -23.70 -7.92 -9.00
CA ARG B 121 -24.06 -8.02 -7.59
C ARG B 121 -23.95 -6.67 -6.89
N GLY B 122 -23.01 -5.84 -7.30
CA GLY B 122 -22.75 -4.59 -6.63
C GLY B 122 -21.53 -4.58 -5.74
N ASP B 123 -20.56 -5.47 -5.97
CA ASP B 123 -19.34 -5.51 -5.19
C ASP B 123 -18.20 -4.74 -5.85
N MET B 124 -18.44 -4.16 -7.03
CA MET B 124 -17.42 -3.41 -7.75
C MET B 124 -18.13 -2.47 -8.73
N SER B 125 -17.58 -1.28 -8.90
CA SER B 125 -18.28 -0.27 -9.69
C SER B 125 -18.09 -0.48 -11.19
N ILE B 126 -16.87 -0.28 -11.67
CA ILE B 126 -16.61 -0.27 -13.11
C ILE B 126 -15.10 -0.35 -13.33
N PRO B 127 -14.62 -1.16 -14.27
CA PRO B 127 -13.19 -1.18 -14.57
C PRO B 127 -12.72 0.16 -15.13
N SER B 128 -11.61 0.65 -14.60
CA SER B 128 -11.03 1.91 -15.05
C SER B 128 -9.58 1.69 -15.44
N TYR B 129 -9.09 2.52 -16.35
CA TYR B 129 -7.75 2.41 -16.89
C TYR B 129 -7.03 3.74 -16.77
N LYS B 130 -5.75 3.68 -16.41
CA LYS B 130 -4.99 4.89 -16.09
C LYS B 130 -4.63 5.65 -17.35
N ARG B 131 -3.99 6.81 -17.17
CA ARG B 131 -3.63 7.65 -18.31
C ARG B 131 -2.42 7.10 -19.06
N ASP B 132 -1.50 6.45 -18.36
CA ASP B 132 -0.29 5.90 -18.99
C ASP B 132 -0.50 4.43 -19.35
N ILE B 133 -1.50 4.18 -20.19
CA ILE B 133 -1.84 2.81 -20.56
C ILE B 133 -0.74 2.24 -21.45
N PRO B 134 -0.22 1.06 -21.15
CA PRO B 134 0.74 0.42 -22.05
C PRO B 134 0.10 0.06 -23.38
N LEU B 135 0.89 0.18 -24.45
CA LEU B 135 0.45 -0.17 -25.79
C LEU B 135 0.67 -1.66 -26.04
N ASP B 136 -0.17 -2.23 -26.90
CA ASP B 136 -0.14 -3.66 -27.16
C ASP B 136 0.56 -3.96 -28.48
N LEU B 137 1.03 -5.20 -28.59
CA LEU B 137 1.76 -5.65 -29.78
C LEU B 137 1.56 -7.15 -29.91
N ILE B 138 1.01 -7.60 -31.03
CA ILE B 138 0.85 -9.03 -31.29
C ILE B 138 2.21 -9.64 -31.63
N LYS B 139 2.27 -10.97 -31.58
CA LYS B 139 3.51 -11.69 -31.86
C LYS B 139 4.09 -11.33 -33.21
N GLU B 140 3.24 -11.25 -34.23
CA GLU B 140 3.68 -10.99 -35.59
C GLU B 140 3.93 -9.52 -35.87
N ASN B 141 4.10 -8.69 -34.85
CA ASN B 141 4.37 -7.28 -35.04
C ASN B 141 5.65 -6.79 -34.37
N ILE B 142 6.25 -7.59 -33.50
CA ILE B 142 7.51 -7.22 -32.85
C ILE B 142 8.58 -8.20 -33.32
N SER B 143 9.65 -7.66 -33.90
CA SER B 143 10.77 -8.46 -34.37
C SER B 143 12.06 -7.91 -33.81
N VAL B 144 12.91 -8.81 -33.32
CA VAL B 144 14.16 -8.43 -32.69
C VAL B 144 15.33 -9.01 -33.48
N ASN B 145 16.38 -8.22 -33.62
CA ASN B 145 17.58 -8.64 -34.33
C ASN B 145 18.80 -8.02 -33.69
N ARG B 146 19.95 -8.63 -33.94
CA ARG B 146 21.23 -8.11 -33.47
C ARG B 146 21.94 -7.42 -34.62
N MET B 147 23.16 -6.95 -34.34
CA MET B 147 23.99 -6.31 -35.35
C MET B 147 25.43 -6.76 -35.17
N ASN B 148 26.24 -6.49 -36.20
CA ASN B 148 27.67 -6.78 -36.09
C ASN B 148 28.31 -5.94 -34.99
N HIS B 149 27.90 -4.67 -34.87
CA HIS B 149 28.40 -3.80 -33.82
C HIS B 149 27.92 -4.20 -32.43
N GLY B 150 26.96 -5.12 -32.34
CA GLY B 150 26.44 -5.55 -31.06
C GLY B 150 25.24 -4.78 -30.57
N ASP B 151 24.79 -3.75 -31.29
CA ASP B 151 23.62 -2.98 -30.88
C ASP B 151 22.36 -3.81 -31.13
N TYR B 152 21.57 -3.99 -30.08
CA TYR B 152 20.35 -4.80 -30.16
C TYR B 152 19.20 -3.94 -30.68
N ILE B 153 18.53 -4.42 -31.72
CA ILE B 153 17.48 -3.66 -32.39
C ILE B 153 16.18 -4.44 -32.31
N ALA B 154 15.09 -3.72 -32.09
CA ALA B 154 13.73 -4.26 -32.14
C ALA B 154 12.91 -3.44 -33.11
N SER B 155 12.02 -4.10 -33.84
CA SER B 155 11.17 -3.44 -34.82
C SER B 155 9.71 -3.60 -34.40
N LEU B 156 8.98 -2.49 -34.39
CA LEU B 156 7.58 -2.47 -33.97
C LEU B 156 6.71 -1.95 -35.10
N SER B 157 5.56 -2.60 -35.30
CA SER B 157 4.57 -2.18 -36.28
C SER B 157 3.36 -1.68 -35.50
N LEU B 158 3.33 -0.38 -35.22
CA LEU B 158 2.30 0.24 -34.41
C LEU B 158 1.19 0.88 -35.24
N LEU B 159 1.55 1.70 -36.21
CA LEU B 159 0.57 2.48 -36.96
C LEU B 159 -0.16 1.62 -37.97
N SER B 160 -1.39 2.04 -38.29
CA SER B 160 -2.19 1.36 -39.30
C SER B 160 -1.80 1.90 -40.68
N ASN B 161 -2.52 1.49 -41.72
CA ASN B 161 -2.20 1.95 -43.07
C ASN B 161 -2.39 3.45 -43.25
N PRO B 162 -3.52 4.06 -42.90
CA PRO B 162 -3.64 5.52 -43.08
C PRO B 162 -2.68 6.32 -42.23
N ALA B 163 -2.35 5.83 -41.03
CA ALA B 163 -1.48 6.58 -40.14
C ALA B 163 -0.07 6.72 -40.70
N LYS B 164 0.42 5.67 -41.37
CA LYS B 164 1.75 5.75 -41.98
C LYS B 164 1.80 6.83 -43.05
N GLN B 165 0.76 6.89 -43.89
CA GLN B 165 0.71 7.94 -44.91
C GLN B 165 0.60 9.32 -44.27
N GLU B 166 -0.19 9.44 -43.21
CA GLU B 166 -0.36 10.74 -42.57
C GLU B 166 0.94 11.24 -41.94
N MET B 167 1.67 10.36 -41.26
CA MET B 167 2.87 10.76 -40.55
C MET B 167 4.14 10.61 -41.36
N ASN B 168 4.05 10.14 -42.61
CA ASN B 168 5.20 9.95 -43.49
C ASN B 168 6.23 9.00 -42.88
N VAL B 169 5.83 8.19 -41.91
CA VAL B 169 6.69 7.22 -41.26
C VAL B 169 6.49 5.89 -41.95
N LYS B 170 7.42 5.52 -42.83
CA LYS B 170 7.34 4.26 -43.55
C LYS B 170 8.09 3.17 -42.80
N ARG B 171 7.92 1.94 -43.27
CA ARG B 171 8.55 0.74 -42.68
C ARG B 171 8.02 0.58 -41.25
N LYS B 172 8.81 -0.04 -40.38
CA LYS B 172 8.50 -0.17 -38.97
C LYS B 172 9.42 0.71 -38.16
N ILE B 173 8.93 1.18 -37.01
CA ILE B 173 9.71 2.05 -36.16
C ILE B 173 10.78 1.23 -35.45
N SER B 174 12.00 1.27 -35.96
CA SER B 174 13.10 0.57 -35.31
C SER B 174 13.52 1.28 -34.03
N VAL B 175 13.84 0.49 -33.00
CA VAL B 175 14.26 1.03 -31.72
C VAL B 175 15.50 0.28 -31.25
N ILE B 176 16.22 0.91 -30.33
CA ILE B 176 17.41 0.34 -29.71
C ILE B 176 17.11 0.04 -28.26
N ILE B 177 17.37 -1.19 -27.83
CA ILE B 177 17.07 -1.63 -26.48
C ILE B 177 18.38 -1.89 -25.75
N ILE B 178 18.29 -1.95 -24.42
CA ILE B 178 19.44 -2.23 -23.56
C ILE B 178 19.38 -3.70 -23.18
N VAL B 179 20.35 -4.48 -23.65
CA VAL B 179 20.40 -5.91 -23.44
C VAL B 179 21.70 -6.20 -22.70
N ARG B 180 21.59 -6.44 -21.39
CA ARG B 180 22.77 -6.67 -20.56
C ARG B 180 22.36 -7.48 -19.34
N GLY B 181 23.36 -8.03 -18.66
CA GLY B 181 23.10 -8.77 -17.44
C GLY B 181 22.25 -10.00 -17.69
N ALA B 182 21.31 -10.25 -16.78
CA ALA B 182 20.45 -11.43 -16.88
C ALA B 182 19.49 -11.36 -18.05
N GLY B 183 19.33 -10.19 -18.69
CA GLY B 183 18.47 -10.09 -19.85
C GLY B 183 19.11 -10.52 -21.15
N LYS B 184 20.45 -10.61 -21.19
CA LYS B 184 21.12 -11.00 -22.43
C LYS B 184 20.86 -12.47 -22.75
N THR B 185 20.74 -13.32 -21.73
CA THR B 185 20.48 -14.73 -22.00
C THR B 185 19.13 -14.93 -22.66
N ILE B 186 18.10 -14.21 -22.17
CA ILE B 186 16.76 -14.34 -22.74
C ILE B 186 16.76 -13.87 -24.19
N MET B 187 17.40 -12.73 -24.45
CA MET B 187 17.42 -12.20 -25.81
C MET B 187 18.22 -13.09 -26.75
N ASP B 188 19.33 -13.65 -26.26
CA ASP B 188 20.10 -14.58 -27.08
C ASP B 188 19.29 -15.81 -27.42
N ARG B 189 18.54 -16.33 -26.45
CA ARG B 189 17.67 -17.47 -26.75
C ARG B 189 16.58 -17.10 -27.75
N ILE B 190 16.04 -15.89 -27.63
CA ILE B 190 14.99 -15.45 -28.55
C ILE B 190 15.53 -15.39 -29.98
N LEU B 191 16.69 -14.77 -30.16
CA LEU B 191 17.23 -14.61 -31.51
C LEU B 191 17.79 -15.91 -32.06
N SER B 192 18.30 -16.79 -31.19
CA SER B 192 18.86 -18.06 -31.66
C SER B 192 17.78 -18.92 -32.30
N GLY B 193 16.59 -18.96 -31.70
CA GLY B 193 15.51 -19.74 -32.26
C GLY B 193 14.80 -20.60 -31.24
N GLU B 194 15.40 -20.78 -30.07
CA GLU B 194 14.79 -21.61 -29.04
C GLU B 194 13.54 -20.95 -28.50
N TYR B 195 13.67 -19.76 -27.91
CA TYR B 195 12.51 -19.04 -27.42
C TYR B 195 11.77 -18.38 -28.57
N GLN B 196 10.52 -18.00 -28.31
CA GLN B 196 9.71 -17.29 -29.29
C GLN B 196 9.15 -16.04 -28.66
N VAL B 197 8.82 -15.06 -29.49
CA VAL B 197 8.29 -13.78 -29.03
C VAL B 197 6.77 -13.87 -29.02
N SER B 198 6.17 -13.75 -27.85
CA SER B 198 4.73 -13.73 -27.71
C SER B 198 4.22 -12.30 -27.75
N ALA B 199 2.97 -12.09 -27.38
CA ALA B 199 2.42 -10.74 -27.32
C ALA B 199 3.19 -9.91 -26.31
N SER B 200 3.58 -8.70 -26.72
CA SER B 200 4.41 -7.82 -25.92
C SER B 200 3.72 -6.48 -25.74
N GLN B 201 4.35 -5.61 -24.96
CA GLN B 201 3.79 -4.30 -24.66
C GLN B 201 4.90 -3.26 -24.54
N ILE B 202 4.55 -2.02 -24.82
CA ILE B 202 5.42 -0.86 -24.57
C ILE B 202 4.97 -0.22 -23.27
N ILE B 203 5.91 -0.02 -22.36
CA ILE B 203 5.60 0.45 -21.01
C ILE B 203 6.37 1.74 -20.75
N HIS B 204 5.68 2.75 -20.23
CA HIS B 204 6.27 4.04 -19.90
C HIS B 204 6.18 4.25 -18.39
N ASP B 205 7.30 4.68 -17.80
CA ASP B 205 7.35 4.98 -16.37
C ASP B 205 7.53 6.49 -16.21
N ASP B 206 6.57 7.13 -15.54
CA ASP B 206 6.58 8.58 -15.42
C ASP B 206 7.75 9.07 -14.57
N ARG B 207 8.05 8.36 -13.48
CA ARG B 207 9.09 8.82 -12.56
C ARG B 207 10.45 8.83 -13.21
N LYS B 208 10.93 7.66 -13.65
CA LYS B 208 12.22 7.58 -14.30
C LYS B 208 12.22 8.21 -15.69
N ASN B 209 11.04 8.50 -16.25
CA ASN B 209 10.91 9.12 -17.57
C ASN B 209 11.66 8.34 -18.63
N LYS B 210 11.40 7.03 -18.69
CA LYS B 210 11.98 6.16 -19.69
C LYS B 210 10.92 5.19 -20.19
N TRP B 211 11.14 4.68 -21.38
CA TRP B 211 10.26 3.68 -21.98
C TRP B 211 10.86 2.29 -21.82
N TYR B 212 10.02 1.28 -22.04
CA TYR B 212 10.45 -0.10 -21.92
C TYR B 212 9.69 -0.95 -22.93
N LEU B 213 10.23 -2.13 -23.21
CA LEU B 213 9.60 -3.12 -24.08
C LEU B 213 9.44 -4.41 -23.28
N ASN B 214 8.20 -4.75 -22.95
CA ASN B 214 7.90 -5.96 -22.19
C ASN B 214 7.84 -7.14 -23.14
N ILE B 215 9.01 -7.57 -23.59
CA ILE B 215 9.10 -8.71 -24.51
C ILE B 215 8.77 -9.98 -23.73
N SER B 216 7.65 -10.61 -24.08
CA SER B 216 7.23 -11.85 -23.43
C SER B 216 7.73 -13.03 -24.25
N TYR B 217 8.50 -13.91 -23.63
CA TYR B 217 9.12 -15.04 -24.31
C TYR B 217 8.37 -16.33 -24.01
N ASP B 218 8.13 -17.11 -25.05
CA ASP B 218 7.43 -18.39 -24.94
C ASP B 218 8.43 -19.52 -25.06
N PHE B 219 8.38 -20.47 -24.13
CA PHE B 219 9.37 -21.54 -24.08
C PHE B 219 8.78 -22.73 -23.35
N GLU B 220 9.40 -23.89 -23.59
CA GLU B 220 8.98 -25.13 -22.95
C GLU B 220 9.90 -25.40 -21.76
N PRO B 221 9.42 -25.35 -20.53
CA PRO B 221 10.29 -25.65 -19.39
C PRO B 221 10.66 -27.12 -19.36
N GLN B 222 11.86 -27.38 -18.84
CA GLN B 222 12.38 -28.73 -18.70
C GLN B 222 12.24 -29.18 -17.26
N THR B 223 11.70 -30.39 -17.07
CA THR B 223 11.58 -30.95 -15.73
C THR B 223 12.95 -31.20 -15.16
N ARG B 224 13.21 -30.67 -13.96
CA ARG B 224 14.53 -30.79 -13.38
C ARG B 224 14.78 -32.21 -12.89
N VAL B 225 16.01 -32.69 -13.11
CA VAL B 225 16.44 -34.01 -12.70
C VAL B 225 17.62 -33.83 -11.75
N LEU B 226 17.60 -34.55 -10.64
CA LEU B 226 18.66 -34.45 -9.65
C LEU B 226 20.00 -34.83 -10.24
N ASP B 227 21.00 -33.98 -10.03
CA ASP B 227 22.36 -34.21 -10.49
C ASP B 227 23.29 -34.18 -9.30
N LEU B 228 24.17 -35.18 -9.19
CA LEU B 228 25.06 -35.28 -8.03
C LEU B 228 26.05 -34.13 -7.97
N ASN B 229 26.24 -33.40 -9.07
CA ASN B 229 27.14 -32.25 -9.06
C ASN B 229 26.45 -30.97 -8.63
N LYS B 230 25.15 -31.02 -8.32
CA LYS B 230 24.46 -29.89 -7.72
C LYS B 230 24.35 -30.10 -6.22
N ILE B 231 24.83 -29.12 -5.45
CA ILE B 231 24.94 -29.23 -4.01
C ILE B 231 24.12 -28.12 -3.37
N MET B 232 23.47 -28.45 -2.25
CA MET B 232 22.79 -27.48 -1.39
C MET B 232 23.53 -27.45 -0.06
N GLY B 233 24.55 -26.59 0.03
CA GLY B 233 25.26 -26.46 1.29
C GLY B 233 24.37 -25.87 2.37
N ILE B 234 24.61 -26.30 3.61
CA ILE B 234 23.78 -25.90 4.73
C ILE B 234 24.66 -25.58 5.93
N ASP B 235 24.37 -24.48 6.61
CA ASP B 235 25.06 -24.10 7.83
C ASP B 235 24.06 -23.56 8.84
N LEU B 236 24.44 -23.66 10.11
CA LEU B 236 23.66 -23.08 11.19
C LEU B 236 24.16 -21.66 11.45
N GLY B 237 23.32 -20.67 11.15
CA GLY B 237 23.74 -19.29 11.22
C GLY B 237 23.70 -18.70 12.61
N VAL B 238 24.37 -17.55 12.76
CA VAL B 238 24.34 -16.82 14.02
C VAL B 238 23.20 -15.80 14.05
N ALA B 239 22.76 -15.32 12.88
CA ALA B 239 21.63 -14.41 12.80
C ALA B 239 20.33 -15.13 12.49
N VAL B 240 20.38 -16.15 11.64
CA VAL B 240 19.21 -16.96 11.33
C VAL B 240 19.49 -18.38 11.78
N ALA B 241 18.50 -19.26 11.64
CA ALA B 241 18.69 -20.65 12.05
C ALA B 241 19.55 -21.40 11.04
N VAL B 242 19.08 -21.51 9.80
CA VAL B 242 19.78 -22.24 8.75
C VAL B 242 19.78 -21.39 7.49
N TYR B 243 20.94 -21.27 6.85
CA TYR B 243 21.08 -20.59 5.57
C TYR B 243 21.44 -21.62 4.52
N MET B 244 20.63 -21.71 3.47
CA MET B 244 20.83 -22.65 2.38
C MET B 244 21.34 -21.89 1.16
N ALA B 245 22.48 -22.32 0.63
CA ALA B 245 23.10 -21.66 -0.50
C ALA B 245 23.59 -22.70 -1.50
N PHE B 246 23.71 -22.27 -2.75
CA PHE B 246 24.23 -23.11 -3.82
C PHE B 246 25.34 -22.36 -4.53
N GLN B 247 26.27 -23.12 -5.11
CA GLN B 247 27.34 -22.52 -5.88
C GLN B 247 27.06 -22.45 -7.37
N HIS B 248 26.18 -23.32 -7.88
CA HIS B 248 25.83 -23.27 -9.29
C HIS B 248 24.83 -22.16 -9.60
N THR B 249 24.04 -21.76 -8.62
CA THR B 249 23.06 -20.69 -8.78
C THR B 249 23.14 -19.73 -7.61
N PRO B 250 22.86 -18.44 -7.83
CA PRO B 250 22.88 -17.48 -6.72
C PRO B 250 21.62 -17.46 -5.90
N ALA B 251 20.78 -18.48 -6.03
CA ALA B 251 19.57 -18.55 -5.21
C ALA B 251 19.94 -18.82 -3.75
N ARG B 252 19.22 -18.18 -2.84
CA ARG B 252 19.49 -18.28 -1.41
C ARG B 252 18.20 -18.51 -0.65
N TYR B 253 18.25 -19.42 0.31
CA TYR B 253 17.11 -19.71 1.18
C TYR B 253 17.57 -19.69 2.63
N LYS B 254 16.73 -19.15 3.50
CA LYS B 254 17.05 -19.02 4.91
C LYS B 254 15.85 -19.42 5.75
N LEU B 255 16.14 -19.93 6.96
CA LEU B 255 15.13 -20.26 7.95
C LEU B 255 15.27 -19.27 9.11
N GLU B 256 14.46 -18.22 9.09
CA GLU B 256 14.48 -17.23 10.16
C GLU B 256 13.65 -17.76 11.32
N GLY B 257 14.32 -18.20 12.38
CA GLY B 257 13.63 -18.83 13.49
C GLY B 257 13.04 -17.86 14.49
N GLY B 258 12.16 -16.97 14.03
CA GLY B 258 11.54 -16.02 14.93
C GLY B 258 10.62 -16.69 15.93
N GLU B 259 9.81 -17.64 15.47
CA GLU B 259 8.91 -18.35 16.38
C GLU B 259 9.68 -19.14 17.43
N ILE B 260 10.88 -19.60 17.08
CA ILE B 260 11.71 -20.30 18.05
C ILE B 260 12.07 -19.36 19.20
N GLU B 261 12.48 -18.13 18.87
CA GLU B 261 12.83 -17.17 19.91
C GLU B 261 11.60 -16.76 20.71
N ASN B 262 10.45 -16.60 20.05
CA ASN B 262 9.22 -16.26 20.76
C ASN B 262 8.86 -17.34 21.77
N PHE B 263 8.91 -18.61 21.35
CA PHE B 263 8.62 -19.70 22.25
C PHE B 263 9.65 -19.79 23.36
N ARG B 264 10.92 -19.51 23.05
CA ARG B 264 11.95 -19.53 24.08
C ARG B 264 11.65 -18.50 25.17
N ARG B 265 11.34 -17.27 24.77
CA ARG B 265 11.00 -16.24 25.76
C ARG B 265 9.76 -16.64 26.55
N GLN B 266 8.74 -17.15 25.88
CA GLN B 266 7.52 -17.55 26.56
C GLN B 266 7.80 -18.61 27.62
N VAL B 267 8.55 -19.65 27.25
CA VAL B 267 8.82 -20.74 28.18
C VAL B 267 9.69 -20.27 29.33
N GLU B 268 10.72 -19.47 29.04
CA GLU B 268 11.59 -18.99 30.11
C GLU B 268 10.81 -18.14 31.11
N SER B 269 9.97 -17.23 30.62
CA SER B 269 9.22 -16.38 31.53
C SER B 269 8.17 -17.18 32.29
N ARG B 270 7.54 -18.16 31.65
CA ARG B 270 6.57 -18.99 32.36
C ARG B 270 7.24 -19.80 33.46
N ARG B 271 8.44 -20.31 33.19
CA ARG B 271 9.17 -21.05 34.21
C ARG B 271 9.58 -20.12 35.35
N ILE B 272 9.96 -18.88 35.05
CA ILE B 272 10.29 -17.93 36.09
C ILE B 272 9.06 -17.65 36.95
N SER B 273 7.90 -17.47 36.32
CA SER B 273 6.69 -17.14 37.06
C SER B 273 6.24 -18.32 37.94
N MET B 274 6.21 -19.52 37.36
CA MET B 274 5.77 -20.69 38.12
C MET B 274 6.76 -21.12 39.19
N LEU B 275 7.99 -20.59 39.16
CA LEU B 275 8.93 -20.86 40.24
C LEU B 275 8.42 -20.30 41.55
N ARG B 276 7.84 -19.10 41.51
CA ARG B 276 7.25 -18.48 42.69
C ARG B 276 5.79 -18.86 42.80
N GLN B 277 5.35 -19.14 44.03
CA GLN B 277 3.96 -19.52 44.31
C GLN B 277 3.54 -20.74 43.51
N LYS B 295 5.58 -31.75 38.85
CA LYS B 295 4.21 -31.80 38.36
C LYS B 295 3.77 -30.50 37.67
N PRO B 296 4.02 -29.31 38.27
CA PRO B 296 3.67 -28.06 37.57
C PRO B 296 4.52 -27.83 36.34
N ILE B 297 5.85 -27.93 36.50
CA ILE B 297 6.76 -27.76 35.36
C ILE B 297 6.88 -29.02 34.52
N GLU B 298 6.29 -30.14 34.98
CA GLU B 298 6.32 -31.36 34.19
C GLU B 298 5.61 -31.17 32.86
N GLN B 299 4.53 -30.37 32.85
CA GLN B 299 3.89 -30.02 31.59
C GLN B 299 4.81 -29.20 30.71
N LEU B 300 5.58 -28.29 31.31
CA LEU B 300 6.49 -27.46 30.53
C LEU B 300 7.56 -28.29 29.85
N ARG B 301 8.10 -29.29 30.55
CA ARG B 301 9.13 -30.13 29.96
C ARG B 301 8.59 -30.90 28.76
N ASP B 302 7.36 -31.41 28.86
CA ASP B 302 6.75 -32.09 27.73
C ASP B 302 6.51 -31.14 26.57
N LYS B 303 6.06 -29.91 26.88
CA LYS B 303 5.75 -28.95 25.81
C LYS B 303 7.02 -28.54 25.07
N ILE B 304 8.12 -28.34 25.78
CA ILE B 304 9.38 -27.96 25.14
C ILE B 304 9.86 -29.08 24.22
N ALA B 305 9.82 -30.32 24.72
CA ALA B 305 10.31 -31.45 23.94
C ALA B 305 9.45 -31.68 22.71
N ASN B 306 8.13 -31.60 22.85
CA ASN B 306 7.25 -31.83 21.71
C ASN B 306 7.39 -30.73 20.67
N PHE B 307 7.54 -29.48 21.12
CA PHE B 307 7.68 -28.37 20.17
C PHE B 307 8.98 -28.51 19.37
N ARG B 308 10.05 -28.98 20.01
CA ARG B 308 11.29 -29.21 19.29
C ARG B 308 11.12 -30.25 18.20
N ASP B 309 10.42 -31.34 18.51
CA ASP B 309 10.18 -32.37 17.50
C ASP B 309 9.29 -31.83 16.38
N THR B 310 8.25 -31.08 16.72
CA THR B 310 7.39 -30.50 15.69
C THR B 310 8.15 -29.50 14.84
N THR B 311 8.97 -28.66 15.47
CA THR B 311 9.77 -27.71 14.70
C THR B 311 10.82 -28.40 13.86
N ASN B 312 11.39 -29.50 14.36
CA ASN B 312 12.39 -30.24 13.58
C ASN B 312 11.79 -30.94 12.38
N HIS B 313 10.47 -31.13 12.36
CA HIS B 313 9.82 -31.75 11.20
C HIS B 313 9.55 -30.74 10.10
N ARG B 314 9.03 -29.56 10.46
CA ARG B 314 8.79 -28.51 9.48
C ARG B 314 10.09 -28.04 8.84
N TYR B 315 11.14 -27.89 9.65
CA TYR B 315 12.43 -27.45 9.13
C TYR B 315 13.03 -28.47 8.17
N SER B 316 13.00 -29.75 8.54
CA SER B 316 13.55 -30.79 7.69
C SER B 316 12.80 -30.90 6.38
N ARG B 317 11.47 -30.83 6.42
CA ARG B 317 10.68 -30.90 5.20
C ARG B 317 10.99 -29.73 4.27
N TYR B 318 11.12 -28.52 4.83
CA TYR B 318 11.46 -27.38 4.01
C TYR B 318 12.88 -27.49 3.46
N ILE B 319 13.82 -27.96 4.29
CA ILE B 319 15.22 -28.01 3.88
C ILE B 319 15.39 -28.96 2.69
N VAL B 320 14.80 -30.15 2.78
CA VAL B 320 14.93 -31.12 1.69
C VAL B 320 14.15 -30.65 0.46
N ASP B 321 12.98 -30.04 0.68
CA ASP B 321 12.16 -29.59 -0.45
C ASP B 321 12.82 -28.45 -1.21
N MET B 322 13.83 -27.79 -0.64
CA MET B 322 14.56 -26.79 -1.39
C MET B 322 15.71 -27.41 -2.18
N ALA B 323 16.20 -28.57 -1.75
CA ALA B 323 17.17 -29.30 -2.57
C ALA B 323 16.49 -29.93 -3.77
N ILE B 324 15.25 -30.39 -3.60
CA ILE B 324 14.51 -30.98 -4.71
C ILE B 324 14.19 -29.93 -5.76
N LYS B 325 13.76 -28.73 -5.33
CA LYS B 325 13.39 -27.70 -6.29
C LYS B 325 14.57 -27.28 -7.15
N GLU B 326 15.74 -27.13 -6.54
CA GLU B 326 16.96 -26.83 -7.28
C GLU B 326 17.65 -28.06 -7.82
N GLY B 327 17.13 -29.26 -7.52
CA GLY B 327 17.70 -30.48 -8.04
C GLY B 327 19.04 -30.85 -7.45
N CYS B 328 19.36 -30.36 -6.25
CA CYS B 328 20.65 -30.66 -5.63
C CYS B 328 20.70 -32.14 -5.26
N GLY B 329 21.49 -32.91 -6.00
CA GLY B 329 21.57 -34.34 -5.75
C GLY B 329 22.29 -34.69 -4.47
N THR B 330 23.08 -33.77 -3.92
CA THR B 330 23.79 -33.98 -2.67
C THR B 330 23.63 -32.74 -1.78
N ILE B 331 23.69 -32.97 -0.48
CA ILE B 331 23.60 -31.89 0.51
C ILE B 331 24.82 -31.97 1.40
N GLN B 332 25.48 -30.84 1.61
CA GLN B 332 26.63 -30.75 2.49
C GLN B 332 26.26 -29.95 3.73
N MET B 333 26.37 -30.57 4.91
CA MET B 333 26.08 -29.90 6.16
C MET B 333 27.12 -30.31 7.19
N GLU B 334 27.40 -29.39 8.11
CA GLU B 334 28.34 -29.66 9.18
C GLU B 334 27.79 -30.74 10.11
N ASP B 335 28.68 -31.64 10.55
CA ASP B 335 28.28 -32.71 11.44
C ASP B 335 28.45 -32.29 12.89
N LEU B 336 27.50 -32.69 13.73
CA LEU B 336 27.53 -32.36 15.14
C LEU B 336 27.17 -33.57 15.99
N ASP B 341 30.63 -28.11 21.40
CA ASP B 341 29.97 -27.10 22.22
C ASP B 341 28.80 -26.45 21.48
N ILE B 342 28.27 -25.38 22.05
CA ILE B 342 27.15 -24.69 21.41
C ILE B 342 27.60 -24.02 20.13
N GLY B 343 28.72 -23.30 20.18
CA GLY B 343 29.20 -22.57 19.02
C GLY B 343 28.47 -21.28 18.74
N SER B 344 27.66 -20.79 19.67
CA SER B 344 26.92 -19.53 19.54
C SER B 344 26.00 -19.52 18.34
N ARG B 345 25.42 -20.68 18.01
CA ARG B 345 24.41 -20.73 16.96
C ARG B 345 23.12 -20.08 17.45
N PHE B 346 22.28 -19.68 16.49
CA PHE B 346 21.03 -19.02 16.84
C PHE B 346 20.14 -19.93 17.66
N LEU B 347 20.04 -21.20 17.27
CA LEU B 347 19.38 -22.20 18.11
C LEU B 347 20.28 -22.49 19.30
N GLN B 348 20.05 -21.78 20.42
CA GLN B 348 21.04 -21.72 21.48
C GLN B 348 21.33 -23.09 22.07
N ASN B 349 20.30 -23.87 22.37
CA ASN B 349 20.48 -25.19 22.95
C ASN B 349 19.55 -26.19 22.28
N TRP B 350 19.46 -26.12 20.96
CA TRP B 350 18.60 -27.03 20.21
C TRP B 350 19.18 -28.45 20.22
N THR B 351 18.35 -29.39 19.79
CA THR B 351 18.79 -30.78 19.61
C THR B 351 19.21 -30.95 18.16
N TYR B 352 20.45 -30.56 17.87
CA TYR B 352 20.94 -30.58 16.50
C TYR B 352 20.99 -31.99 15.91
N TYR B 353 21.27 -32.99 16.76
CA TYR B 353 21.39 -34.36 16.26
C TYR B 353 20.08 -34.84 15.66
N ASP B 354 18.95 -34.51 16.30
CA ASP B 354 17.66 -34.90 15.75
C ASP B 354 17.41 -34.25 14.40
N LEU B 355 17.73 -32.96 14.28
CA LEU B 355 17.54 -32.27 13.00
C LEU B 355 18.40 -32.89 11.90
N GLN B 356 19.65 -33.20 12.22
CA GLN B 356 20.52 -33.84 11.23
C GLN B 356 19.99 -35.20 10.83
N GLN B 357 19.54 -36.00 11.80
CA GLN B 357 19.01 -37.32 11.49
C GLN B 357 17.76 -37.22 10.61
N LYS B 358 16.88 -36.27 10.92
CA LYS B 358 15.66 -36.14 10.13
C LYS B 358 15.96 -35.65 8.72
N ILE B 359 16.93 -34.73 8.59
CA ILE B 359 17.35 -34.29 7.27
C ILE B 359 17.90 -35.47 6.48
N ILE B 360 18.72 -36.31 7.12
CA ILE B 360 19.29 -37.47 6.43
C ILE B 360 18.18 -38.41 5.97
N TYR B 361 17.21 -38.68 6.84
CA TYR B 361 16.14 -39.61 6.49
C TYR B 361 15.30 -39.09 5.32
N LYS B 362 14.88 -37.83 5.40
CA LYS B 362 14.06 -37.27 4.32
C LYS B 362 14.86 -37.15 3.02
N ALA B 363 16.18 -36.93 3.11
CA ALA B 363 16.99 -36.90 1.90
C ALA B 363 17.12 -38.30 1.30
N GLU B 364 17.25 -39.32 2.14
CA GLU B 364 17.29 -40.69 1.64
C GLU B 364 15.98 -41.06 0.95
N GLU B 365 14.86 -40.58 1.48
CA GLU B 365 13.57 -40.85 0.82
C GLU B 365 13.53 -40.24 -0.57
N ALA B 366 14.07 -39.03 -0.73
CA ALA B 366 13.95 -38.29 -1.98
C ALA B 366 15.13 -38.49 -2.91
N GLY B 367 15.93 -39.54 -2.70
CA GLY B 367 17.07 -39.80 -3.57
C GLY B 367 18.15 -38.75 -3.50
N ILE B 368 18.43 -38.23 -2.31
CA ILE B 368 19.46 -37.20 -2.10
C ILE B 368 20.49 -37.75 -1.13
N LYS B 369 21.75 -37.68 -1.52
CA LYS B 369 22.85 -38.07 -0.65
C LYS B 369 23.23 -36.92 0.28
N VAL B 370 23.70 -37.26 1.47
CA VAL B 370 24.09 -36.28 2.47
C VAL B 370 25.53 -36.52 2.87
N ILE B 371 26.33 -35.47 2.87
CA ILE B 371 27.72 -35.53 3.31
C ILE B 371 27.85 -34.73 4.60
N LYS B 372 28.88 -35.05 5.37
CA LYS B 372 29.15 -34.42 6.66
C LYS B 372 30.53 -33.80 6.59
N ILE B 373 30.58 -32.49 6.38
CA ILE B 373 31.81 -31.76 6.18
C ILE B 373 32.28 -31.19 7.52
N ASP B 374 33.58 -31.30 7.79
CA ASP B 374 34.14 -30.77 9.03
C ASP B 374 34.13 -29.25 8.98
N PRO B 375 33.43 -28.58 9.88
CA PRO B 375 33.37 -27.10 9.87
C PRO B 375 34.50 -26.43 10.64
N GLN B 376 35.68 -26.37 10.01
CA GLN B 376 36.81 -25.73 10.68
C GLN B 376 36.74 -24.22 10.55
N TYR B 377 36.79 -23.71 9.32
CA TYR B 377 36.75 -22.28 9.08
C TYR B 377 35.80 -21.95 7.93
N THR B 378 34.61 -22.57 7.95
CA THR B 378 33.65 -22.32 6.89
C THR B 378 33.11 -20.90 6.93
N SER B 379 33.17 -20.25 8.08
CA SER B 379 32.66 -18.89 8.21
C SER B 379 33.71 -17.82 7.89
N GLN B 380 34.97 -18.06 8.27
CA GLN B 380 36.01 -17.07 8.06
C GLN B 380 36.46 -17.01 6.61
N ARG B 381 36.50 -18.16 5.93
CA ARG B 381 37.01 -18.20 4.56
C ARG B 381 36.06 -17.49 3.61
N CYS B 382 36.62 -16.82 2.61
CA CYS B 382 35.81 -16.13 1.61
C CYS B 382 35.26 -17.12 0.59
N SER B 383 34.17 -16.71 -0.08
CA SER B 383 33.49 -17.55 -1.04
C SER B 383 33.92 -17.31 -2.48
N GLU B 384 34.67 -16.24 -2.74
CA GLU B 384 35.15 -15.95 -4.08
C GLU B 384 36.67 -16.02 -4.17
N CYS B 385 37.38 -15.24 -3.35
CA CYS B 385 38.84 -15.23 -3.40
C CYS B 385 39.44 -16.48 -2.77
N GLY B 386 38.79 -17.03 -1.74
CA GLY B 386 39.31 -18.20 -1.06
C GLY B 386 40.41 -17.91 -0.07
N ASN B 387 40.59 -16.65 0.32
CA ASN B 387 41.62 -16.28 1.28
C ASN B 387 41.03 -16.38 2.69
N ILE B 388 41.60 -17.26 3.51
CA ILE B 388 41.12 -17.46 4.87
C ILE B 388 41.82 -16.47 5.79
N ASP B 389 41.21 -15.31 5.98
CA ASP B 389 41.77 -14.28 6.86
C ASP B 389 41.47 -14.60 8.33
N GLY B 395 30.20 -6.40 11.95
CA GLY B 395 31.29 -7.36 11.89
C GLY B 395 30.83 -8.80 11.90
N GLN B 396 30.15 -9.19 12.97
CA GLN B 396 29.64 -10.55 13.07
C GLN B 396 28.58 -10.83 12.01
N ALA B 397 27.67 -9.88 11.79
CA ALA B 397 26.57 -10.11 10.86
C ALA B 397 27.05 -10.04 9.41
N ILE B 398 27.91 -9.07 9.09
CA ILE B 398 28.32 -8.81 7.73
C ILE B 398 29.77 -9.29 7.55
N PHE B 399 29.98 -10.18 6.60
CA PHE B 399 31.30 -10.72 6.31
C PHE B 399 32.02 -9.85 5.31
N LYS B 400 33.35 -9.80 5.44
CA LYS B 400 34.19 -8.99 4.56
C LYS B 400 35.36 -9.82 4.07
N CYS B 401 35.84 -9.48 2.87
CA CYS B 401 36.97 -10.15 2.23
C CYS B 401 38.05 -9.09 2.01
N ARG B 402 38.93 -8.92 2.99
CA ARG B 402 39.97 -7.90 2.90
C ARG B 402 40.90 -8.13 1.72
N ALA B 403 41.00 -9.37 1.23
CA ALA B 403 41.81 -9.67 0.06
C ALA B 403 41.07 -9.42 -1.25
N CYS B 404 39.74 -9.31 -1.21
CA CYS B 404 38.98 -9.10 -2.44
C CYS B 404 37.88 -8.05 -2.34
N GLY B 405 37.47 -7.63 -1.14
CA GLY B 405 36.43 -6.64 -1.00
C GLY B 405 35.00 -7.18 -1.08
N TYR B 406 34.83 -8.48 -1.28
CA TYR B 406 33.49 -9.05 -1.39
C TYR B 406 32.77 -8.94 -0.05
N GLU B 407 31.50 -8.53 -0.11
CA GLU B 407 30.70 -8.31 1.08
C GLU B 407 29.34 -8.97 0.90
N ALA B 408 28.92 -9.71 1.92
CA ALA B 408 27.62 -10.38 1.93
C ALA B 408 27.31 -10.77 3.36
N ASN B 409 26.13 -11.36 3.55
CA ASN B 409 25.77 -11.86 4.88
C ASN B 409 26.70 -12.99 5.28
N ALA B 410 27.14 -12.97 6.54
CA ALA B 410 28.11 -13.95 7.01
C ALA B 410 27.57 -15.37 6.93
N ASP B 411 26.30 -15.56 7.32
CA ASP B 411 25.70 -16.88 7.24
C ASP B 411 25.64 -17.38 5.80
N TYR B 412 25.27 -16.51 4.87
CA TYR B 412 25.25 -16.89 3.46
C TYR B 412 26.65 -17.23 2.96
N ASN B 413 27.65 -16.47 3.41
CA ASN B 413 29.02 -16.76 3.00
C ASN B 413 29.45 -18.14 3.50
N ALA B 414 29.15 -18.45 4.75
CA ALA B 414 29.50 -19.76 5.28
C ALA B 414 28.76 -20.87 4.55
N ALA B 415 27.48 -20.65 4.25
CA ALA B 415 26.71 -21.65 3.52
C ALA B 415 27.29 -21.89 2.14
N ARG B 416 27.68 -20.82 1.44
CA ARG B 416 28.30 -20.99 0.12
C ARG B 416 29.65 -21.69 0.22
N ASN B 417 30.44 -21.37 1.25
CA ASN B 417 31.70 -22.07 1.45
C ASN B 417 31.48 -23.55 1.65
N ILE B 418 30.45 -23.91 2.42
CA ILE B 418 30.11 -25.32 2.59
C ILE B 418 29.64 -25.93 1.28
N ALA B 419 28.94 -25.15 0.45
CA ALA B 419 28.41 -25.69 -0.80
C ALA B 419 29.50 -26.05 -1.80
N ILE B 420 30.72 -25.56 -1.61
CA ILE B 420 31.83 -25.91 -2.51
C ILE B 420 32.19 -27.37 -2.32
N PRO B 421 32.27 -28.17 -3.39
CA PRO B 421 32.56 -29.60 -3.24
C PRO B 421 33.90 -29.84 -2.58
N ASN B 422 33.93 -30.83 -1.69
CA ASN B 422 35.16 -31.27 -1.01
C ASN B 422 35.86 -30.10 -0.32
N ILE B 423 35.07 -29.29 0.39
CA ILE B 423 35.61 -28.10 1.03
C ILE B 423 36.63 -28.46 2.11
N ASP B 424 36.51 -29.65 2.71
CA ASP B 424 37.45 -30.04 3.75
C ASP B 424 38.88 -30.11 3.23
N LYS B 425 39.07 -30.71 2.05
CA LYS B 425 40.42 -30.86 1.51
C LYS B 425 41.03 -29.53 1.13
N ILE B 426 40.26 -28.64 0.49
CA ILE B 426 40.80 -27.35 0.12
C ILE B 426 41.03 -26.49 1.36
N ILE B 427 40.24 -26.68 2.42
CA ILE B 427 40.50 -25.99 3.67
C ILE B 427 41.79 -26.46 4.29
N ALA B 428 42.04 -27.77 4.27
CA ALA B 428 43.29 -28.30 4.79
C ALA B 428 44.49 -27.78 4.00
N GLU B 429 44.39 -27.82 2.67
CA GLU B 429 45.49 -27.34 1.83
C GLU B 429 45.66 -25.83 1.91
N SER B 430 44.61 -25.10 2.31
CA SER B 430 44.72 -23.65 2.41
C SER B 430 45.66 -23.23 3.53
N ILE B 431 45.70 -23.99 4.62
CA ILE B 431 46.55 -23.66 5.75
C ILE B 431 48.02 -23.72 5.36
MG MG F . -27.13 -0.61 32.48
ZN ZN G . 23.86 37.06 10.76
MG MG H . 15.77 -20.54 -10.03
ZN ZN I . 37.23 -13.29 -1.53
MG MG J . -5.43 -1.48 27.08
MG MG K . -8.75 5.59 31.29
MG MG L . -16.55 -10.86 28.55
MG MG M . -17.57 12.78 45.13
MG MG N . -23.88 -3.86 44.61
#